data_5OHJ
#
_entry.id   5OHJ
#
_cell.length_a   55.270
_cell.length_b   55.730
_cell.length_c   225.560
_cell.angle_alpha   90.00
_cell.angle_beta   90.00
_cell.angle_gamma   90.00
#
_symmetry.space_group_name_H-M   'P 21 21 21'
#
loop_
_entity.id
_entity.type
_entity.pdbx_description
1 polymer "cAMP-specific 3',5'-cyclic phosphodiesterase 4B"
2 non-polymer 'ZINC ION'
3 non-polymer 'MAGNESIUM ION'
4 non-polymer '[(1~{S})-2-[3,5-bis(chloranyl)-1-oxidanyl-pyridin-1-ium-4-yl]-1-[4-[bis(fluoranyl)methoxy]-3-(cyclopropylmethoxy)phenyl]ethyl] (2~{S})-1-[3-(dimethylcarbamoyl)phenyl]sulfonylpyrrolidine-2-carboxylate'
5 water water
#
_entity_poly.entity_id   1
_entity_poly.type   'polypeptide(L)'
_entity_poly.pdbx_seq_one_letter_code
;MSVSEMASNKFKRMLNRELTHLSEMSRSGNQVSEYISNTFLDKQNDVEIPKVTAEEAPQPMTQISGVKKLMHSSSLNNTS
ISRFGVNTENEDHLAKELEDLNKWGLNIFNVAGYSHNRPLTCIMYAIFQERDLLKTFRISSDTFITYMMTLEDHYHSDVA
YHNSLHAADVAQSTHVLLSTPALDAVFTDLEILAAIFAAAIHDVDHPGVSNQFLINTNSELALMYNDESVLENHHLAVGF
KLLQEEHCDIFMNLTKKQRQTLRKMVIDMVLATDMSKHMSLLADLKTMVETKKVTSSGVLLLDNYTDRIQVLRNMVHCAD
LSNPTKSLELYRQWTDRIMEEFFQQGDKERERGMEISPMCDKHTASVEKSQVGFIDYIVHPLWETWADLVQPDAQDILDT
LEDNRNWYQSMIPQSHHHHHH
;
_entity_poly.pdbx_strand_id   A,B
#
# COMPACT_ATOMS: atom_id res chain seq x y z
N THR A 79 -44.56 -12.70 6.08
CA THR A 79 -43.94 -11.35 6.00
C THR A 79 -42.69 -11.20 6.93
N SER A 80 -42.00 -12.31 7.21
CA SER A 80 -40.72 -12.22 7.93
C SER A 80 -39.64 -11.60 7.03
N ILE A 81 -39.82 -11.74 5.71
CA ILE A 81 -38.92 -11.10 4.74
C ILE A 81 -39.12 -9.57 4.84
N SER A 82 -40.37 -9.10 4.92
CA SER A 82 -40.56 -7.66 5.19
C SER A 82 -40.08 -7.19 6.59
N ARG A 83 -40.17 -8.06 7.61
CA ARG A 83 -39.67 -7.69 8.95
C ARG A 83 -38.15 -7.80 9.10
N PHE A 84 -37.57 -8.85 8.52
CA PHE A 84 -36.17 -9.19 8.82
C PHE A 84 -35.43 -9.33 7.49
N GLY A 85 -34.15 -9.60 7.48
CA GLY A 85 -33.58 -9.73 6.12
C GLY A 85 -34.10 -10.89 5.25
N VAL A 86 -34.93 -11.77 5.85
CA VAL A 86 -34.64 -13.22 5.77
C VAL A 86 -35.85 -14.07 6.20
N ASN A 87 -35.70 -15.38 6.00
CA ASN A 87 -36.68 -16.40 6.32
C ASN A 87 -36.36 -17.12 7.62
N THR A 88 -37.35 -17.13 8.51
CA THR A 88 -37.27 -17.80 9.81
C THR A 88 -38.68 -18.05 10.29
N GLU A 89 -38.88 -19.18 10.96
CA GLU A 89 -40.16 -19.49 11.65
C GLU A 89 -40.17 -18.93 13.06
N ASN A 90 -38.99 -18.94 13.71
CA ASN A 90 -38.79 -18.31 15.03
C ASN A 90 -38.54 -16.79 14.98
N GLU A 91 -39.58 -16.09 14.54
CA GLU A 91 -39.62 -14.63 14.45
C GLU A 91 -39.52 -13.98 15.83
N ASP A 92 -40.24 -14.53 16.81
CA ASP A 92 -40.15 -13.97 18.16
C ASP A 92 -38.75 -13.98 18.70
N HIS A 93 -38.04 -15.08 18.50
CA HIS A 93 -36.70 -15.18 19.02
C HIS A 93 -35.75 -14.28 18.27
N LEU A 94 -35.97 -14.12 16.96
CA LEU A 94 -35.01 -13.29 16.18
C LEU A 94 -35.24 -11.85 16.60
N ALA A 95 -36.51 -11.49 16.77
CA ALA A 95 -36.83 -10.14 17.16
C ALA A 95 -36.27 -9.83 18.54
N LYS A 96 -36.41 -10.75 19.50
CA LYS A 96 -35.74 -10.57 20.81
C LYS A 96 -34.23 -10.31 20.67
N GLU A 97 -33.51 -11.09 19.85
CA GLU A 97 -32.05 -10.84 19.72
C GLU A 97 -31.77 -9.44 19.16
N LEU A 98 -32.64 -9.02 18.23
CA LEU A 98 -32.44 -7.76 17.54
C LEU A 98 -32.85 -6.52 18.39
N GLU A 99 -33.43 -6.74 19.57
CA GLU A 99 -33.62 -5.64 20.52
C GLU A 99 -32.30 -5.03 20.91
N ASP A 100 -31.23 -5.83 20.77
CA ASP A 100 -29.88 -5.41 21.12
C ASP A 100 -29.08 -4.91 19.92
N LEU A 101 -29.79 -4.57 18.86
CA LEU A 101 -29.09 -4.14 17.63
C LEU A 101 -28.12 -2.97 17.86
N ASN A 102 -28.50 -2.05 18.77
CA ASN A 102 -27.65 -0.89 19.01
C ASN A 102 -26.65 -1.05 20.16
N LYS A 103 -26.46 -2.30 20.55
CA LYS A 103 -25.64 -2.54 21.80
C LYS A 103 -24.41 -3.41 21.49
N TRP A 104 -23.35 -3.17 22.28
CA TRP A 104 -22.14 -3.95 22.10
C TRP A 104 -22.47 -5.41 22.56
N GLY A 105 -23.47 -5.57 23.43
CA GLY A 105 -23.78 -6.92 23.90
C GLY A 105 -24.67 -7.81 22.99
N LEU A 106 -25.02 -7.33 21.79
CA LEU A 106 -25.70 -8.19 20.80
C LEU A 106 -24.98 -9.53 20.69
N ASN A 107 -25.75 -10.63 20.57
CA ASN A 107 -25.17 -11.97 20.35
C ASN A 107 -25.38 -12.43 18.90
N ILE A 108 -24.36 -12.24 18.06
CA ILE A 108 -24.53 -12.52 16.64
C ILE A 108 -24.62 -14.05 16.35
N PHE A 109 -24.08 -14.88 17.26
CA PHE A 109 -24.28 -16.34 17.12
C PHE A 109 -25.75 -16.67 17.20
N ASN A 110 -26.50 -16.00 18.07
CA ASN A 110 -27.92 -16.32 18.19
C ASN A 110 -28.67 -15.78 16.99
N VAL A 111 -28.25 -14.61 16.50
CA VAL A 111 -28.90 -14.08 15.27
C VAL A 111 -28.73 -15.11 14.15
N ALA A 112 -27.53 -15.66 14.00
CA ALA A 112 -27.29 -16.68 12.97
C ALA A 112 -28.19 -17.90 13.19
N GLY A 113 -28.36 -18.33 14.44
CA GLY A 113 -29.18 -19.50 14.70
C GLY A 113 -30.64 -19.26 14.34
N TYR A 114 -31.13 -18.02 14.46
CA TYR A 114 -32.55 -17.78 14.23
C TYR A 114 -32.86 -17.26 12.83
N SER A 115 -31.84 -17.16 11.98
CA SER A 115 -32.03 -16.58 10.63
C SER A 115 -31.68 -17.54 9.51
N HIS A 116 -31.72 -18.84 9.81
CA HIS A 116 -31.23 -19.87 8.89
C HIS A 116 -29.81 -19.63 8.41
N ASN A 117 -28.95 -19.27 9.35
CA ASN A 117 -27.58 -18.98 9.03
C ASN A 117 -27.39 -17.94 7.97
N ARG A 118 -28.18 -16.89 8.03
CA ARG A 118 -27.94 -15.72 7.22
C ARG A 118 -27.73 -14.51 8.10
N PRO A 119 -26.70 -14.56 8.95
CA PRO A 119 -26.53 -13.43 9.84
C PRO A 119 -26.16 -12.11 9.17
N LEU A 120 -25.37 -12.15 8.11
CA LEU A 120 -24.95 -10.94 7.42
C LEU A 120 -26.18 -10.27 6.74
N THR A 121 -27.00 -11.03 6.05
CA THR A 121 -28.20 -10.43 5.39
C THR A 121 -29.16 -9.88 6.46
N CYS A 122 -29.32 -10.65 7.52
CA CYS A 122 -30.29 -10.29 8.57
C CYS A 122 -29.80 -9.04 9.28
N ILE A 123 -28.54 -9.05 9.75
CA ILE A 123 -28.06 -7.85 10.47
C ILE A 123 -27.94 -6.59 9.61
N MET A 124 -27.58 -6.75 8.34
CA MET A 124 -27.47 -5.59 7.47
C MET A 124 -28.85 -4.98 7.17
N TYR A 125 -29.87 -5.84 6.99
CA TYR A 125 -31.19 -5.31 6.76
C TYR A 125 -31.70 -4.57 8.02
N ALA A 126 -31.36 -5.14 9.20
CA ALA A 126 -31.79 -4.50 10.41
C ALA A 126 -31.11 -3.14 10.60
N ILE A 127 -29.79 -3.08 10.33
CA ILE A 127 -29.01 -1.83 10.46
C ILE A 127 -29.58 -0.79 9.49
N PHE A 128 -29.78 -1.20 8.24
CA PHE A 128 -30.28 -0.22 7.25
C PHE A 128 -31.68 0.32 7.57
N GLN A 129 -32.56 -0.54 8.14
CA GLN A 129 -33.88 -0.09 8.53
C GLN A 129 -33.76 0.87 9.68
N GLU A 130 -32.95 0.46 10.67
CA GLU A 130 -32.74 1.28 11.86
C GLU A 130 -32.23 2.69 11.57
N ARG A 131 -31.32 2.78 10.60
CA ARG A 131 -30.74 4.09 10.25
C ARG A 131 -31.47 4.79 9.07
N ASP A 132 -32.58 4.22 8.56
CA ASP A 132 -33.33 4.80 7.46
C ASP A 132 -32.50 4.93 6.20
N LEU A 133 -31.48 4.09 6.04
CA LEU A 133 -30.54 4.23 4.88
C LEU A 133 -31.20 3.85 3.54
N LEU A 134 -32.16 2.92 3.52
CA LEU A 134 -32.86 2.55 2.29
C LEU A 134 -33.64 3.75 1.81
N LYS A 135 -34.27 4.46 2.72
CA LYS A 135 -35.04 5.63 2.31
C LYS A 135 -34.11 6.77 1.85
N THR A 136 -33.05 7.01 2.62
CA THR A 136 -32.12 8.13 2.29
C THR A 136 -31.47 7.98 0.96
N PHE A 137 -31.05 6.78 0.66
CA PHE A 137 -30.34 6.55 -0.64
C PHE A 137 -31.15 5.85 -1.72
N ARG A 138 -32.48 5.76 -1.52
CA ARG A 138 -33.43 5.29 -2.55
C ARG A 138 -33.02 3.90 -3.03
N ILE A 139 -32.86 2.99 -2.05
CA ILE A 139 -32.51 1.60 -2.32
C ILE A 139 -33.78 0.77 -2.09
N SER A 140 -34.27 0.05 -3.09
CA SER A 140 -35.46 -0.79 -2.84
C SER A 140 -35.05 -1.96 -1.90
N SER A 141 -36.05 -2.49 -1.18
CA SER A 141 -35.74 -3.63 -0.25
C SER A 141 -35.32 -4.83 -1.08
N ASP A 142 -35.92 -5.01 -2.26
CA ASP A 142 -35.52 -6.12 -3.16
C ASP A 142 -34.08 -6.03 -3.63
N THR A 143 -33.67 -4.84 -4.08
CA THR A 143 -32.25 -4.70 -4.52
C THR A 143 -31.31 -4.91 -3.32
N PHE A 144 -31.69 -4.41 -2.15
CA PHE A 144 -30.77 -4.54 -1.00
C PHE A 144 -30.67 -6.00 -0.60
N ILE A 145 -31.80 -6.69 -0.50
CA ILE A 145 -31.75 -8.11 -0.09
C ILE A 145 -31.05 -8.96 -1.12
N THR A 146 -31.26 -8.64 -2.40
CA THR A 146 -30.59 -9.42 -3.43
C THR A 146 -29.08 -9.26 -3.32
N TYR A 147 -28.60 -8.03 -3.18
CA TYR A 147 -27.20 -7.81 -3.07
C TYR A 147 -26.65 -8.49 -1.79
N MET A 148 -27.33 -8.31 -0.65
CA MET A 148 -26.77 -8.94 0.55
C MET A 148 -26.75 -10.42 0.50
N MET A 149 -27.76 -11.07 -0.05
CA MET A 149 -27.74 -12.53 -0.16
C MET A 149 -26.55 -12.98 -1.02
N THR A 150 -26.33 -12.28 -2.15
CA THR A 150 -25.19 -12.63 -3.02
C THR A 150 -23.85 -12.40 -2.26
N LEU A 151 -23.71 -11.28 -1.59
CA LEU A 151 -22.47 -11.02 -0.83
C LEU A 151 -22.25 -12.15 0.20
N GLU A 152 -23.29 -12.46 0.93
CA GLU A 152 -23.17 -13.48 2.01
C GLU A 152 -22.80 -14.84 1.40
N ASP A 153 -23.39 -15.16 0.26
CA ASP A 153 -23.02 -16.39 -0.49
C ASP A 153 -21.53 -16.43 -0.87
N HIS A 154 -20.85 -15.27 -0.95
CA HIS A 154 -19.48 -15.23 -1.40
C HIS A 154 -18.52 -15.25 -0.20
N TYR A 155 -19.08 -15.36 1.03
CA TYR A 155 -18.24 -15.72 2.19
C TYR A 155 -18.28 -17.23 2.30
N HIS A 156 -17.13 -17.86 2.58
CA HIS A 156 -17.01 -19.35 2.45
C HIS A 156 -17.49 -19.92 3.77
N SER A 157 -18.53 -20.74 3.75
CA SER A 157 -19.00 -21.28 5.02
C SER A 157 -18.08 -22.40 5.55
N ASP A 158 -17.17 -22.94 4.74
CA ASP A 158 -16.21 -23.89 5.29
C ASP A 158 -14.95 -23.27 5.90
N VAL A 159 -14.87 -21.94 5.98
CA VAL A 159 -13.70 -21.26 6.56
C VAL A 159 -14.11 -20.98 7.97
N ALA A 160 -13.26 -21.32 8.96
CA ALA A 160 -13.76 -21.36 10.34
C ALA A 160 -14.02 -20.02 10.96
N TYR A 161 -13.20 -19.03 10.61
CA TYR A 161 -13.36 -17.66 11.18
C TYR A 161 -13.85 -16.63 10.16
N HIS A 162 -13.13 -16.47 9.05
CA HIS A 162 -13.45 -15.44 8.07
C HIS A 162 -14.62 -15.86 7.18
N ASN A 163 -15.79 -16.03 7.81
CA ASN A 163 -17.02 -16.40 7.10
C ASN A 163 -18.05 -15.30 7.40
N SER A 164 -19.29 -15.44 6.90
CA SER A 164 -20.23 -14.33 7.03
C SER A 164 -20.61 -13.99 8.47
N LEU A 165 -20.43 -14.88 9.42
CA LEU A 165 -20.70 -14.48 10.83
C LEU A 165 -19.72 -13.40 11.30
N HIS A 166 -18.45 -13.55 10.93
CA HIS A 166 -17.47 -12.47 11.17
C HIS A 166 -17.84 -11.15 10.52
N ALA A 167 -18.22 -11.21 9.25
CA ALA A 167 -18.58 -9.99 8.58
C ALA A 167 -19.78 -9.31 9.28
N ALA A 168 -20.73 -10.15 9.69
CA ALA A 168 -21.96 -9.66 10.34
C ALA A 168 -21.58 -8.94 11.66
N ASP A 169 -20.68 -9.59 12.38
CA ASP A 169 -20.16 -8.99 13.63
C ASP A 169 -19.46 -7.66 13.43
N VAL A 170 -18.55 -7.57 12.48
CA VAL A 170 -17.86 -6.32 12.19
C VAL A 170 -18.84 -5.20 11.74
N ALA A 171 -19.83 -5.55 10.88
CA ALA A 171 -20.84 -4.58 10.50
C ALA A 171 -21.68 -4.09 11.68
N GLN A 172 -22.11 -4.99 12.53
CA GLN A 172 -22.92 -4.59 13.70
C GLN A 172 -22.08 -3.79 14.73
N SER A 173 -20.80 -4.19 14.91
CA SER A 173 -19.91 -3.42 15.79
C SER A 173 -19.63 -2.04 15.26
N THR A 174 -19.43 -1.93 13.96
CA THR A 174 -19.29 -0.60 13.32
C THR A 174 -20.54 0.27 13.53
N HIS A 175 -21.69 -0.35 13.35
CA HIS A 175 -22.94 0.35 13.60
C HIS A 175 -23.05 0.93 15.04
N VAL A 176 -22.55 0.16 16.01
CA VAL A 176 -22.57 0.64 17.40
C VAL A 176 -21.55 1.78 17.54
N LEU A 177 -20.33 1.60 16.99
CA LEU A 177 -19.35 2.64 17.20
C LEU A 177 -19.71 3.96 16.49
N LEU A 178 -20.37 3.87 15.35
CA LEU A 178 -20.79 5.15 14.72
C LEU A 178 -21.69 6.00 15.59
N SER A 179 -22.44 5.39 16.50
CA SER A 179 -23.37 6.10 17.34
C SER A 179 -22.76 6.43 18.74
N THR A 180 -21.43 6.29 18.87
CA THR A 180 -20.75 6.68 20.15
C THR A 180 -21.00 8.19 20.37
N PRO A 181 -21.35 8.57 21.61
CA PRO A 181 -21.79 9.96 21.78
C PRO A 181 -20.76 11.04 21.36
N ALA A 182 -19.46 10.76 21.53
CA ALA A 182 -18.40 11.72 21.15
C ALA A 182 -18.39 12.00 19.69
N LEU A 183 -19.06 11.19 18.87
CA LEU A 183 -19.04 11.33 17.43
C LEU A 183 -20.43 11.79 16.91
N ASP A 184 -21.31 12.22 17.83
CA ASP A 184 -22.68 12.63 17.37
C ASP A 184 -22.69 13.77 16.37
N ALA A 185 -23.42 13.57 15.25
CA ALA A 185 -23.58 14.62 14.23
C ALA A 185 -22.26 14.91 13.45
N VAL A 186 -21.22 14.10 13.68
CA VAL A 186 -19.97 14.30 12.99
C VAL A 186 -19.98 13.81 11.52
N PHE A 187 -20.58 12.65 11.28
CA PHE A 187 -20.46 11.98 9.97
C PHE A 187 -21.60 12.30 9.08
N THR A 188 -21.35 12.44 7.78
CA THR A 188 -22.51 12.55 6.90
C THR A 188 -23.22 11.22 6.70
N ASP A 189 -24.44 11.24 6.13
CA ASP A 189 -25.11 9.99 5.82
C ASP A 189 -24.28 9.13 4.82
N LEU A 190 -23.61 9.76 3.85
CA LEU A 190 -22.76 8.99 2.89
C LEU A 190 -21.60 8.31 3.59
N GLU A 191 -21.03 9.02 4.59
CA GLU A 191 -19.91 8.40 5.35
C GLU A 191 -20.40 7.21 6.22
N ILE A 192 -21.58 7.32 6.82
CA ILE A 192 -22.19 6.22 7.56
C ILE A 192 -22.45 4.99 6.66
N LEU A 193 -23.08 5.26 5.52
CA LEU A 193 -23.34 4.22 4.48
C LEU A 193 -22.01 3.52 4.06
N ALA A 194 -21.01 4.31 3.75
CA ALA A 194 -19.67 3.80 3.37
C ALA A 194 -19.03 2.89 4.46
N ALA A 195 -19.08 3.34 5.72
CA ALA A 195 -18.45 2.54 6.77
C ALA A 195 -19.18 1.20 7.01
N ILE A 196 -20.52 1.18 7.01
CA ILE A 196 -21.23 -0.04 7.27
C ILE A 196 -21.04 -0.97 6.05
N PHE A 197 -21.04 -0.41 4.83
CA PHE A 197 -20.85 -1.25 3.63
C PHE A 197 -19.39 -1.82 3.70
N ALA A 198 -18.40 -0.96 4.01
CA ALA A 198 -16.99 -1.44 4.05
C ALA A 198 -16.94 -2.59 5.06
N ALA A 199 -17.54 -2.41 6.21
CA ALA A 199 -17.48 -3.50 7.19
C ALA A 199 -18.10 -4.81 6.68
N ALA A 200 -19.24 -4.70 5.97
CA ALA A 200 -19.90 -5.87 5.48
C ALA A 200 -19.05 -6.61 4.45
N ILE A 201 -18.34 -5.89 3.60
CA ILE A 201 -17.61 -6.52 2.50
C ILE A 201 -16.14 -6.87 2.86
N HIS A 202 -15.69 -6.49 4.06
CA HIS A 202 -14.23 -6.36 4.25
C HIS A 202 -13.45 -7.67 4.21
N ASP A 203 -14.10 -8.81 4.31
CA ASP A 203 -13.40 -10.09 4.18
C ASP A 203 -14.01 -11.01 3.12
N VAL A 204 -14.81 -10.46 2.19
CA VAL A 204 -15.61 -11.33 1.28
C VAL A 204 -14.68 -12.22 0.40
N ASP A 205 -15.05 -13.51 0.29
CA ASP A 205 -14.27 -14.48 -0.57
C ASP A 205 -12.89 -14.79 0.04
N HIS A 206 -12.81 -14.65 1.37
CA HIS A 206 -11.55 -15.04 2.07
C HIS A 206 -11.37 -16.55 1.95
N PRO A 207 -10.14 -17.05 1.56
CA PRO A 207 -9.92 -18.48 1.41
C PRO A 207 -9.54 -19.19 2.66
N GLY A 208 -9.41 -18.48 3.77
CA GLY A 208 -9.03 -19.15 5.05
C GLY A 208 -7.52 -19.35 5.20
N VAL A 209 -6.75 -18.70 4.34
CA VAL A 209 -5.27 -18.66 4.48
C VAL A 209 -4.80 -17.19 4.34
N SER A 210 -3.63 -16.90 4.92
CA SER A 210 -3.10 -15.53 5.03
C SER A 210 -2.52 -14.96 3.74
N ASN A 211 -2.36 -13.63 3.73
CA ASN A 211 -1.63 -13.00 2.64
C ASN A 211 -0.24 -13.65 2.49
N GLN A 212 0.49 -13.88 3.61
CA GLN A 212 1.82 -14.47 3.42
C GLN A 212 1.78 -15.90 2.85
N PHE A 213 0.73 -16.68 3.18
CA PHE A 213 0.54 -17.99 2.49
C PHE A 213 0.41 -17.88 0.97
N LEU A 214 -0.46 -16.95 0.56
CA LEU A 214 -0.68 -16.70 -0.86
C LEU A 214 0.62 -16.20 -1.56
N ILE A 215 1.37 -15.35 -0.88
CA ILE A 215 2.65 -14.89 -1.39
C ILE A 215 3.63 -16.09 -1.53
N ASN A 216 3.74 -16.83 -0.44
CA ASN A 216 4.71 -17.98 -0.41
C ASN A 216 4.39 -19.09 -1.42
N THR A 217 3.12 -19.24 -1.82
CA THR A 217 2.69 -20.19 -2.82
C THR A 217 2.54 -19.59 -4.24
N ASN A 218 2.94 -18.32 -4.44
CA ASN A 218 2.94 -17.73 -5.79
C ASN A 218 1.51 -17.70 -6.35
N SER A 219 0.53 -17.45 -5.48
CA SER A 219 -0.87 -17.37 -5.90
C SER A 219 -1.03 -16.27 -6.94
N GLU A 220 -1.83 -16.53 -7.96
CA GLU A 220 -2.18 -15.43 -8.87
C GLU A 220 -2.67 -14.17 -8.19
N LEU A 221 -3.39 -14.30 -7.08
CA LEU A 221 -3.87 -13.13 -6.38
C LEU A 221 -2.68 -12.29 -5.87
N ALA A 222 -1.65 -12.97 -5.35
CA ALA A 222 -0.48 -12.24 -4.85
C ALA A 222 0.27 -11.61 -5.98
N LEU A 223 0.42 -12.33 -7.11
CA LEU A 223 1.08 -11.74 -8.27
C LEU A 223 0.33 -10.48 -8.78
N MET A 224 -1.01 -10.55 -8.86
CA MET A 224 -1.81 -9.47 -9.42
C MET A 224 -1.68 -8.20 -8.57
N TYR A 225 -1.59 -8.36 -7.26
CA TYR A 225 -1.50 -7.17 -6.42
C TYR A 225 -0.06 -6.87 -5.90
N ASN A 226 0.93 -7.50 -6.47
CA ASN A 226 2.37 -7.26 -6.10
C ASN A 226 2.58 -7.44 -4.63
N ASP A 227 1.97 -8.51 -4.09
CA ASP A 227 2.25 -8.93 -2.72
C ASP A 227 1.70 -7.93 -1.70
N GLU A 228 0.96 -6.92 -2.15
CA GLU A 228 0.62 -5.79 -1.23
C GLU A 228 -0.86 -5.85 -0.85
N SER A 229 -1.21 -5.97 0.45
CA SER A 229 -2.61 -6.06 0.88
C SER A 229 -3.38 -7.01 -0.02
N VAL A 230 -2.84 -8.23 -0.23
CA VAL A 230 -3.36 -9.13 -1.22
C VAL A 230 -4.84 -9.38 -1.08
N LEU A 231 -5.23 -9.96 0.03
CA LEU A 231 -6.64 -10.30 0.24
C LEU A 231 -7.50 -9.07 0.35
N GLU A 232 -6.98 -8.03 0.94
CA GLU A 232 -7.81 -6.82 1.14
C GLU A 232 -8.19 -6.17 -0.21
N ASN A 233 -7.20 -6.16 -1.12
CA ASN A 233 -7.51 -5.74 -2.46
C ASN A 233 -8.55 -6.63 -3.13
N HIS A 234 -8.45 -7.92 -2.86
CA HIS A 234 -9.42 -8.86 -3.46
C HIS A 234 -10.83 -8.70 -2.84
N HIS A 235 -10.93 -8.46 -1.52
CA HIS A 235 -12.26 -8.24 -0.88
C HIS A 235 -13.00 -7.04 -1.56
N LEU A 236 -12.24 -5.98 -1.78
CA LEU A 236 -12.74 -4.80 -2.54
C LEU A 236 -13.19 -5.25 -3.91
N ALA A 237 -12.34 -5.97 -4.63
CA ALA A 237 -12.69 -6.24 -6.01
C ALA A 237 -13.99 -7.06 -6.08
N VAL A 238 -14.16 -8.02 -5.16
CA VAL A 238 -15.37 -8.86 -5.18
C VAL A 238 -16.61 -8.06 -4.66
N GLY A 239 -16.44 -7.32 -3.56
CA GLY A 239 -17.60 -6.55 -3.05
C GLY A 239 -18.11 -5.58 -4.11
N PHE A 240 -17.19 -4.94 -4.83
CA PHE A 240 -17.64 -3.98 -5.87
C PHE A 240 -18.16 -4.73 -7.10
N LYS A 241 -17.56 -5.87 -7.50
CA LYS A 241 -18.07 -6.58 -8.70
C LYS A 241 -19.52 -7.08 -8.56
N LEU A 242 -19.87 -7.46 -7.34
CA LEU A 242 -21.21 -8.03 -7.09
C LEU A 242 -22.31 -6.94 -7.30
N LEU A 243 -21.95 -5.66 -7.22
CA LEU A 243 -22.92 -4.60 -7.50
C LEU A 243 -23.42 -4.64 -8.90
N GLN A 244 -22.64 -5.28 -9.77
CA GLN A 244 -22.96 -5.35 -11.20
C GLN A 244 -23.89 -6.51 -11.57
N GLU A 245 -24.17 -7.38 -10.62
CA GLU A 245 -25.10 -8.50 -10.84
C GLU A 245 -26.54 -7.97 -10.98
N GLU A 246 -27.41 -8.75 -11.64
CA GLU A 246 -28.78 -8.35 -11.88
C GLU A 246 -29.46 -8.01 -10.55
N HIS A 247 -30.08 -6.82 -10.50
CA HIS A 247 -30.86 -6.34 -9.33
C HIS A 247 -30.03 -6.19 -8.07
N CYS A 248 -28.73 -5.87 -8.23
CA CYS A 248 -27.82 -5.77 -7.09
C CYS A 248 -27.20 -4.39 -6.84
N ASP A 249 -27.53 -3.40 -7.67
CA ASP A 249 -26.81 -2.14 -7.49
C ASP A 249 -27.45 -1.24 -6.45
N ILE A 250 -27.08 -1.50 -5.24
CA ILE A 250 -27.53 -0.69 -4.09
C ILE A 250 -27.14 0.79 -4.20
N PHE A 251 -26.18 1.15 -5.04
CA PHE A 251 -25.79 2.56 -5.13
C PHE A 251 -26.31 3.24 -6.36
N MET A 252 -27.28 2.60 -7.07
CA MET A 252 -27.78 3.14 -8.33
C MET A 252 -28.26 4.58 -8.25
N ASN A 253 -28.86 4.98 -7.08
CA ASN A 253 -29.45 6.33 -7.01
C ASN A 253 -28.61 7.35 -6.24
N LEU A 254 -27.37 6.99 -5.91
CA LEU A 254 -26.44 8.01 -5.45
C LEU A 254 -26.08 8.86 -6.66
N THR A 255 -25.76 10.13 -6.42
CA THR A 255 -25.22 10.95 -7.56
C THR A 255 -23.87 10.39 -8.05
N LYS A 256 -23.42 10.85 -9.23
CA LYS A 256 -22.10 10.40 -9.73
C LYS A 256 -20.97 10.71 -8.72
N LYS A 257 -20.98 11.93 -8.23
CA LYS A 257 -19.98 12.36 -7.22
C LYS A 257 -20.10 11.58 -5.93
N GLN A 258 -21.33 11.29 -5.46
CA GLN A 258 -21.49 10.51 -4.24
C GLN A 258 -20.94 9.06 -4.42
N ARG A 259 -21.12 8.49 -5.63
CA ARG A 259 -20.55 7.17 -5.93
C ARG A 259 -19.02 7.22 -5.91
N GLN A 260 -18.46 8.30 -6.46
CA GLN A 260 -16.99 8.39 -6.56
C GLN A 260 -16.45 8.53 -5.16
N THR A 261 -17.10 9.34 -4.34
CA THR A 261 -16.61 9.57 -2.97
C THR A 261 -16.78 8.31 -2.10
N LEU A 262 -17.94 7.65 -2.19
CA LEU A 262 -18.12 6.38 -1.47
C LEU A 262 -17.12 5.33 -1.84
N ARG A 263 -16.84 5.15 -3.15
CA ARG A 263 -15.89 4.12 -3.55
C ARG A 263 -14.50 4.40 -2.90
N LYS A 264 -14.07 5.66 -2.89
CA LYS A 264 -12.75 6.03 -2.32
C LYS A 264 -12.77 5.74 -0.83
N MET A 265 -13.84 6.19 -0.16
CA MET A 265 -13.90 5.91 1.30
C MET A 265 -13.85 4.40 1.65
N VAL A 266 -14.58 3.56 0.88
CA VAL A 266 -14.70 2.15 1.12
C VAL A 266 -13.31 1.52 0.91
N ILE A 267 -12.62 1.92 -0.17
CA ILE A 267 -11.26 1.40 -0.45
C ILE A 267 -10.35 1.75 0.73
N ASP A 268 -10.39 3.00 1.18
CA ASP A 268 -9.52 3.38 2.34
C ASP A 268 -9.84 2.54 3.58
N MET A 269 -11.12 2.32 3.87
CA MET A 269 -11.45 1.54 5.09
C MET A 269 -11.10 0.07 4.99
N VAL A 270 -11.31 -0.56 3.83
CA VAL A 270 -11.00 -1.97 3.72
C VAL A 270 -9.46 -2.16 3.71
N LEU A 271 -8.74 -1.27 2.98
CA LEU A 271 -7.22 -1.35 2.98
C LEU A 271 -6.74 -1.21 4.45
N ALA A 272 -7.46 -0.45 5.31
CA ALA A 272 -6.93 -0.22 6.68
C ALA A 272 -7.16 -1.43 7.55
N THR A 273 -7.79 -2.49 7.05
CA THR A 273 -7.95 -3.71 7.86
C THR A 273 -6.72 -4.64 7.70
N ASP A 274 -5.81 -4.34 6.79
CA ASP A 274 -4.53 -5.13 6.65
C ASP A 274 -3.67 -4.86 7.90
N MET A 275 -3.50 -5.91 8.74
CA MET A 275 -2.69 -5.73 9.95
C MET A 275 -1.28 -5.25 9.74
N SER A 276 -0.73 -5.39 8.53
CA SER A 276 0.59 -4.81 8.26
C SER A 276 0.63 -3.27 8.39
N LYS A 277 -0.54 -2.65 8.43
CA LYS A 277 -0.69 -1.19 8.49
C LYS A 277 -1.01 -0.80 9.95
N HIS A 278 -1.19 -1.78 10.85
CA HIS A 278 -1.72 -1.42 12.17
C HIS A 278 -0.82 -0.38 12.94
N MET A 279 0.50 -0.61 12.91
CA MET A 279 1.36 0.30 13.73
C MET A 279 1.27 1.69 13.20
N SER A 280 1.16 1.85 11.89
CA SER A 280 1.12 3.20 11.38
C SER A 280 -0.24 3.85 11.58
N LEU A 281 -1.33 3.08 11.45
CA LEU A 281 -2.67 3.55 11.81
C LEU A 281 -2.73 4.04 13.25
N LEU A 282 -2.20 3.23 14.18
CA LEU A 282 -2.23 3.59 15.59
C LEU A 282 -1.41 4.85 15.85
N ALA A 283 -0.25 4.97 15.20
CA ALA A 283 0.60 6.11 15.44
C ALA A 283 -0.09 7.40 15.00
N ASP A 284 -0.71 7.37 13.83
CA ASP A 284 -1.54 8.46 13.32
C ASP A 284 -2.70 8.78 14.26
N LEU A 285 -3.39 7.73 14.74
CA LEU A 285 -4.51 7.94 15.67
C LEU A 285 -4.05 8.65 16.94
N LYS A 286 -2.92 8.20 17.50
CA LYS A 286 -2.41 8.89 18.68
C LYS A 286 -2.17 10.37 18.39
N THR A 287 -1.55 10.69 17.25
CA THR A 287 -1.20 12.08 16.95
C THR A 287 -2.50 12.89 16.76
N MET A 288 -3.54 12.27 16.20
CA MET A 288 -4.89 12.82 16.19
C MET A 288 -5.53 13.12 17.58
N VAL A 289 -5.54 12.14 18.50
CA VAL A 289 -5.93 12.40 19.91
C VAL A 289 -5.18 13.58 20.52
N GLU A 290 -3.89 13.69 20.25
CA GLU A 290 -3.07 14.81 20.80
C GLU A 290 -3.61 16.21 20.56
N THR A 291 -4.24 16.39 19.41
CA THR A 291 -4.66 17.71 19.01
C THR A 291 -6.16 17.77 18.69
N LYS A 292 -6.92 16.87 19.29
CA LYS A 292 -8.37 16.83 19.02
C LYS A 292 -9.03 18.08 19.59
N LYS A 293 -10.12 18.48 18.97
CA LYS A 293 -10.96 19.59 19.44
C LYS A 293 -12.33 19.01 19.83
N VAL A 294 -12.86 19.50 20.93
CA VAL A 294 -14.06 18.94 21.51
C VAL A 294 -14.93 20.15 21.91
N THR A 295 -16.22 20.06 21.61
CA THR A 295 -17.28 21.01 22.02
C THR A 295 -17.52 20.87 23.56
N SER A 296 -18.10 21.87 24.22
CA SER A 296 -18.65 21.61 25.57
C SER A 296 -19.86 20.76 25.24
N SER A 297 -20.05 19.66 25.98
CA SER A 297 -20.90 18.53 25.57
C SER A 297 -20.00 17.34 25.32
N GLY A 298 -18.73 17.62 24.97
CA GLY A 298 -17.72 16.58 24.82
C GLY A 298 -17.74 15.92 23.45
N VAL A 299 -18.46 16.53 22.51
CA VAL A 299 -18.53 15.96 21.13
C VAL A 299 -17.32 16.45 20.32
N LEU A 300 -16.70 15.56 19.57
CA LEU A 300 -15.58 15.87 18.68
C LEU A 300 -15.97 16.79 17.51
N LEU A 301 -15.08 17.74 17.20
CA LEU A 301 -15.19 18.56 15.99
C LEU A 301 -14.16 18.03 15.00
N LEU A 302 -14.65 17.48 13.89
CA LEU A 302 -13.81 16.93 12.84
C LEU A 302 -14.09 17.66 11.59
N ASP A 303 -13.31 18.74 11.52
CA ASP A 303 -13.24 19.81 10.53
C ASP A 303 -13.31 19.26 9.13
N ASN A 304 -12.24 18.56 8.75
CA ASN A 304 -12.03 18.22 7.38
C ASN A 304 -12.23 16.74 7.09
N TYR A 305 -12.46 16.48 5.81
CA TYR A 305 -12.48 15.14 5.25
C TYR A 305 -11.32 14.27 5.74
N THR A 306 -10.08 14.75 5.57
CA THR A 306 -8.92 13.97 6.00
C THR A 306 -9.04 13.48 7.46
N ASP A 307 -9.50 14.31 8.39
CA ASP A 307 -9.64 13.81 9.77
C ASP A 307 -10.80 12.84 9.93
N ARG A 308 -11.89 13.08 9.18
CA ARG A 308 -13.02 12.13 9.26
C ARG A 308 -12.68 10.73 8.72
N ILE A 309 -11.99 10.62 7.56
CA ILE A 309 -11.66 9.29 7.08
C ILE A 309 -10.57 8.61 7.96
N GLN A 310 -9.68 9.40 8.58
CA GLN A 310 -8.75 8.80 9.57
C GLN A 310 -9.55 8.09 10.70
N VAL A 311 -10.52 8.82 11.26
CA VAL A 311 -11.34 8.23 12.34
C VAL A 311 -12.11 7.00 11.86
N LEU A 312 -12.71 7.09 10.64
CA LEU A 312 -13.48 5.97 10.13
C LEU A 312 -12.55 4.75 9.83
N ARG A 313 -11.35 4.96 9.26
CA ARG A 313 -10.47 3.81 9.00
C ARG A 313 -10.12 3.12 10.33
N ASN A 314 -9.87 3.91 11.35
CA ASN A 314 -9.56 3.34 12.68
C ASN A 314 -10.79 2.67 13.31
N MET A 315 -11.97 3.23 13.05
CA MET A 315 -13.17 2.64 13.65
C MET A 315 -13.41 1.25 13.11
N VAL A 316 -13.34 1.06 11.77
CA VAL A 316 -13.52 -0.25 11.15
C VAL A 316 -12.41 -1.25 11.62
N HIS A 317 -11.21 -0.71 11.78
CA HIS A 317 -10.09 -1.54 12.29
C HIS A 317 -10.41 -1.98 13.76
N CYS A 318 -10.87 -1.06 14.57
CA CYS A 318 -11.28 -1.40 15.97
C CYS A 318 -12.39 -2.47 15.96
N ALA A 319 -13.39 -2.34 15.07
CA ALA A 319 -14.46 -3.34 14.99
C ALA A 319 -13.90 -4.72 14.58
N ASP A 320 -12.95 -4.70 13.62
CA ASP A 320 -12.28 -5.93 13.22
C ASP A 320 -11.50 -6.56 14.40
N LEU A 321 -10.96 -5.73 15.29
CA LEU A 321 -10.15 -6.17 16.47
C LEU A 321 -11.04 -6.08 17.74
N SER A 322 -12.34 -6.31 17.60
CA SER A 322 -13.25 -6.15 18.77
C SER A 322 -13.58 -7.38 19.60
N ASN A 323 -13.16 -8.58 19.15
CA ASN A 323 -13.58 -9.86 19.81
C ASN A 323 -13.21 -9.86 21.30
N PRO A 324 -11.97 -9.45 21.62
CA PRO A 324 -11.58 -9.56 23.04
C PRO A 324 -12.27 -8.54 23.96
N THR A 325 -13.04 -7.61 23.38
CA THR A 325 -13.75 -6.56 24.16
C THR A 325 -15.22 -6.96 24.37
N LYS A 326 -15.64 -8.06 23.76
CA LYS A 326 -17.00 -8.58 23.93
C LYS A 326 -17.11 -9.38 25.21
N SER A 327 -18.35 -9.66 25.61
CA SER A 327 -18.50 -10.57 26.77
C SER A 327 -17.65 -11.83 26.58
N LEU A 328 -17.11 -12.32 27.71
CA LEU A 328 -16.26 -13.52 27.68
C LEU A 328 -16.83 -14.72 26.92
N GLU A 329 -18.15 -14.97 27.04
CA GLU A 329 -18.79 -16.09 26.37
C GLU A 329 -18.73 -15.97 24.82
N LEU A 330 -18.87 -14.75 24.29
CA LEU A 330 -18.66 -14.46 22.86
C LEU A 330 -17.17 -14.59 22.48
N TYR A 331 -16.31 -13.89 23.23
CA TYR A 331 -14.86 -13.87 22.92
C TYR A 331 -14.30 -15.34 22.80
N ARG A 332 -14.61 -16.21 23.80
CA ARG A 332 -14.17 -17.63 23.72
C ARG A 332 -14.57 -18.30 22.37
N GLN A 333 -15.77 -18.00 21.89
CA GLN A 333 -16.25 -18.60 20.62
C GLN A 333 -15.44 -18.08 19.45
N TRP A 334 -15.12 -16.80 19.44
CA TRP A 334 -14.25 -16.21 18.40
C TRP A 334 -12.85 -16.83 18.43
N THR A 335 -12.35 -17.03 19.67
CA THR A 335 -10.98 -17.60 19.79
C THR A 335 -10.94 -19.06 19.24
N ASP A 336 -11.97 -19.85 19.54
CA ASP A 336 -12.07 -21.22 19.02
C ASP A 336 -12.00 -21.20 17.52
N ARG A 337 -12.70 -20.23 16.91
CA ARG A 337 -12.77 -20.17 15.43
C ARG A 337 -11.46 -19.71 14.75
N ILE A 338 -10.82 -18.67 15.29
CA ILE A 338 -9.54 -18.18 14.69
C ILE A 338 -8.47 -19.29 14.84
N MET A 339 -8.47 -20.03 15.95
CA MET A 339 -7.47 -21.05 16.09
C MET A 339 -7.71 -22.22 15.13
N GLU A 340 -8.97 -22.60 14.93
CA GLU A 340 -9.26 -23.70 14.00
C GLU A 340 -8.79 -23.25 12.60
N GLU A 341 -9.08 -22.00 12.25
CA GLU A 341 -8.66 -21.52 10.89
C GLU A 341 -7.13 -21.49 10.76
N PHE A 342 -6.44 -21.02 11.78
CA PHE A 342 -4.95 -21.08 11.77
C PHE A 342 -4.44 -22.52 11.66
N PHE A 343 -5.03 -23.43 12.43
CA PHE A 343 -4.53 -24.80 12.43
C PHE A 343 -4.77 -25.44 11.07
N GLN A 344 -5.89 -25.12 10.41
CA GLN A 344 -6.12 -25.70 9.08
C GLN A 344 -5.11 -25.17 8.08
N GLN A 345 -4.71 -23.90 8.22
CA GLN A 345 -3.58 -23.39 7.40
C GLN A 345 -2.32 -24.14 7.65
N GLY A 346 -2.02 -24.37 8.94
CA GLY A 346 -0.74 -25.04 9.24
C GLY A 346 -0.72 -26.45 8.67
N ASP A 347 -1.88 -27.12 8.63
CA ASP A 347 -1.94 -28.48 8.06
C ASP A 347 -1.67 -28.42 6.52
N LYS A 348 -2.16 -27.36 5.88
CA LYS A 348 -1.87 -27.15 4.43
C LYS A 348 -0.42 -26.87 4.16
N GLU A 349 0.22 -26.05 5.01
CA GLU A 349 1.65 -25.81 4.97
C GLU A 349 2.42 -27.13 5.11
N ARG A 350 2.06 -27.92 6.12
CA ARG A 350 2.80 -29.14 6.49
C ARG A 350 2.73 -30.08 5.28
N GLU A 351 1.54 -30.22 4.72
CA GLU A 351 1.39 -31.17 3.60
C GLU A 351 2.14 -30.73 2.36
N ARG A 352 2.41 -29.42 2.25
CA ARG A 352 3.11 -28.86 1.08
C ARG A 352 4.62 -28.84 1.25
N GLY A 353 5.11 -29.37 2.37
CA GLY A 353 6.52 -29.31 2.73
C GLY A 353 7.00 -27.90 2.97
N MET A 354 6.12 -27.01 3.43
CA MET A 354 6.50 -25.66 3.77
C MET A 354 6.72 -25.55 5.28
N GLU A 355 7.51 -24.57 5.67
CA GLU A 355 7.65 -24.18 7.09
C GLU A 355 6.25 -23.78 7.60
N ILE A 356 5.94 -24.15 8.84
CA ILE A 356 4.60 -23.89 9.38
C ILE A 356 4.63 -22.49 9.98
N SER A 357 3.74 -21.64 9.53
CA SER A 357 3.63 -20.28 10.03
C SER A 357 3.45 -20.21 11.56
N PRO A 358 4.02 -19.16 12.20
CA PRO A 358 3.73 -18.92 13.64
C PRO A 358 2.23 -18.96 13.92
N MET A 359 1.87 -19.60 15.04
CA MET A 359 0.49 -19.70 15.57
C MET A 359 -0.35 -20.80 14.86
N CYS A 360 0.22 -21.47 13.84
CA CYS A 360 -0.60 -22.43 13.04
C CYS A 360 -0.29 -23.89 13.24
N ASP A 361 0.59 -24.21 14.20
CA ASP A 361 0.98 -25.59 14.39
C ASP A 361 0.24 -26.05 15.63
N LYS A 362 -0.79 -26.85 15.41
CA LYS A 362 -1.66 -27.35 16.45
C LYS A 362 -0.89 -28.16 17.50
N HIS A 363 0.32 -28.62 17.17
CA HIS A 363 1.03 -29.50 18.12
C HIS A 363 1.74 -28.70 19.18
N THR A 364 1.91 -27.40 18.94
CA THR A 364 2.72 -26.55 19.79
C THR A 364 1.98 -25.27 20.24
N ALA A 365 0.75 -25.09 19.83
CA ALA A 365 0.08 -23.81 20.14
C ALA A 365 -0.29 -23.69 21.61
N SER A 366 -0.28 -22.45 22.10
CA SER A 366 -0.67 -22.17 23.47
C SER A 366 -1.73 -21.12 23.39
N VAL A 367 -2.96 -21.59 23.26
CA VAL A 367 -4.07 -20.67 22.96
C VAL A 367 -4.19 -19.50 23.95
N GLU A 368 -4.12 -19.80 25.24
CA GLU A 368 -4.35 -18.80 26.29
C GLU A 368 -3.18 -17.79 26.33
N LYS A 369 -1.94 -18.29 26.32
CA LYS A 369 -0.72 -17.40 26.22
C LYS A 369 -0.81 -16.46 25.04
N SER A 370 -1.20 -17.02 23.90
CA SER A 370 -1.31 -16.26 22.66
C SER A 370 -2.36 -15.14 22.74
N GLN A 371 -3.51 -15.42 23.39
CA GLN A 371 -4.50 -14.34 23.54
C GLN A 371 -3.99 -13.20 24.41
N VAL A 372 -3.25 -13.53 25.49
CA VAL A 372 -2.76 -12.49 26.38
C VAL A 372 -1.79 -11.60 25.61
N GLY A 373 -0.91 -12.22 24.79
CA GLY A 373 0.04 -11.48 23.97
C GLY A 373 -0.68 -10.56 22.99
N PHE A 374 -1.71 -11.10 22.34
CA PHE A 374 -2.48 -10.39 21.34
C PHE A 374 -3.14 -9.18 21.97
N ILE A 375 -3.72 -9.35 23.14
CA ILE A 375 -4.30 -8.23 23.84
C ILE A 375 -3.23 -7.18 24.23
N ASP A 376 -2.14 -7.66 24.82
CA ASP A 376 -1.15 -6.70 25.36
C ASP A 376 -0.48 -5.89 24.23
N TYR A 377 -0.17 -6.53 23.09
CA TYR A 377 0.67 -5.90 22.08
C TYR A 377 -0.16 -5.16 21.04
N ILE A 378 -1.41 -5.62 20.84
CA ILE A 378 -2.24 -5.07 19.73
C ILE A 378 -3.54 -4.46 20.24
N VAL A 379 -4.40 -5.30 20.82
CA VAL A 379 -5.80 -4.90 21.09
C VAL A 379 -5.87 -3.78 22.13
N HIS A 380 -5.16 -3.94 23.24
CA HIS A 380 -5.32 -2.98 24.34
C HIS A 380 -4.72 -1.59 23.92
N PRO A 381 -3.51 -1.58 23.31
CA PRO A 381 -3.04 -0.23 22.94
C PRO A 381 -4.00 0.47 21.96
N LEU A 382 -4.58 -0.30 21.04
CA LEU A 382 -5.53 0.30 20.03
C LEU A 382 -6.75 0.85 20.77
N TRP A 383 -7.38 0.02 21.58
CA TRP A 383 -8.61 0.44 22.24
C TRP A 383 -8.38 1.53 23.30
N GLU A 384 -7.26 1.53 24.02
CA GLU A 384 -6.98 2.68 24.90
C GLU A 384 -6.90 3.98 24.13
N THR A 385 -6.33 3.93 22.92
CA THR A 385 -6.23 5.18 22.13
C THR A 385 -7.63 5.64 21.63
N TRP A 386 -8.37 4.67 21.07
CA TRP A 386 -9.78 4.88 20.69
C TRP A 386 -10.56 5.48 21.86
N ALA A 387 -10.42 4.86 23.04
CA ALA A 387 -11.12 5.38 24.23
C ALA A 387 -10.70 6.79 24.64
N ASP A 388 -9.42 7.14 24.44
CA ASP A 388 -8.98 8.52 24.66
C ASP A 388 -9.73 9.47 23.69
N LEU A 389 -9.72 9.12 22.40
CA LEU A 389 -10.48 9.94 21.40
C LEU A 389 -11.96 10.20 21.79
N VAL A 390 -12.67 9.14 22.15
CA VAL A 390 -14.13 9.25 22.39
C VAL A 390 -14.48 9.33 23.89
N GLN A 391 -13.55 9.71 24.76
CA GLN A 391 -13.78 9.68 26.19
C GLN A 391 -15.09 10.35 26.64
N PRO A 392 -15.83 9.75 27.59
CA PRO A 392 -15.54 8.50 28.34
C PRO A 392 -16.34 7.37 27.74
N ASP A 393 -16.70 7.46 26.45
CA ASP A 393 -17.64 6.49 25.89
C ASP A 393 -17.24 5.01 25.95
N ALA A 394 -15.94 4.71 25.91
CA ALA A 394 -15.51 3.32 25.82
C ALA A 394 -15.05 2.75 27.15
N GLN A 395 -15.43 3.44 28.25
CA GLN A 395 -15.10 2.93 29.61
C GLN A 395 -15.39 1.42 29.83
N ASP A 396 -16.61 1.00 29.48
CA ASP A 396 -17.00 -0.42 29.74
C ASP A 396 -16.32 -1.42 28.83
N ILE A 397 -16.05 -0.98 27.60
CA ILE A 397 -15.26 -1.79 26.66
C ILE A 397 -13.86 -2.08 27.25
N LEU A 398 -13.19 -1.06 27.78
CA LEU A 398 -11.85 -1.23 28.38
C LEU A 398 -11.91 -2.11 29.61
N ASP A 399 -12.89 -1.89 30.48
CA ASP A 399 -13.01 -2.78 31.65
C ASP A 399 -13.21 -4.23 31.23
N THR A 400 -14.07 -4.49 30.22
CA THR A 400 -14.32 -5.89 29.79
C THR A 400 -13.02 -6.45 29.21
N LEU A 401 -12.35 -5.67 28.37
CA LEU A 401 -11.08 -6.13 27.77
C LEU A 401 -10.08 -6.55 28.83
N GLU A 402 -9.91 -5.70 29.84
CA GLU A 402 -8.92 -5.99 30.94
C GLU A 402 -9.33 -7.25 31.69
N ASP A 403 -10.62 -7.42 31.95
CA ASP A 403 -11.05 -8.60 32.66
C ASP A 403 -10.85 -9.89 31.87
N ASN A 404 -11.10 -9.80 30.57
CA ASN A 404 -10.89 -10.95 29.67
C ASN A 404 -9.42 -11.28 29.55
N ARG A 405 -8.55 -10.25 29.53
CA ARG A 405 -7.12 -10.49 29.57
C ARG A 405 -6.72 -11.25 30.80
N ASN A 406 -7.18 -10.78 31.98
CA ASN A 406 -6.87 -11.48 33.23
C ASN A 406 -7.38 -12.92 33.22
N TRP A 407 -8.57 -13.11 32.63
CA TRP A 407 -9.19 -14.45 32.64
C TRP A 407 -8.35 -15.37 31.78
N TYR A 408 -7.93 -14.94 30.59
CA TYR A 408 -7.13 -15.81 29.77
C TYR A 408 -5.77 -16.09 30.40
N GLN A 409 -5.18 -15.09 31.05
CA GLN A 409 -3.92 -15.33 31.70
C GLN A 409 -4.06 -16.40 32.81
N SER A 410 -5.15 -16.29 33.59
CA SER A 410 -5.43 -17.23 34.68
C SER A 410 -5.63 -18.65 34.20
N MET A 411 -6.07 -18.76 32.92
CA MET A 411 -6.32 -20.06 32.29
C MET A 411 -5.16 -20.64 31.53
N ILE A 412 -3.98 -19.99 31.57
CA ILE A 412 -2.79 -20.68 31.08
C ILE A 412 -2.51 -21.97 31.89
N PRO A 413 -2.46 -23.13 31.20
CA PRO A 413 -2.38 -24.38 31.98
C PRO A 413 -1.15 -24.53 32.84
N GLN A 414 -1.34 -25.24 33.96
CA GLN A 414 -0.38 -26.18 34.60
C GLN A 414 -0.90 -26.76 35.89
N SER B 80 31.55 -4.41 -31.04
CA SER B 80 30.86 -3.23 -30.39
C SER B 80 29.69 -3.62 -29.49
N ILE B 81 28.82 -4.46 -30.05
CA ILE B 81 27.77 -5.16 -29.29
C ILE B 81 28.43 -6.07 -28.23
N SER B 82 29.51 -6.76 -28.64
CA SER B 82 30.31 -7.56 -27.71
C SER B 82 30.91 -6.71 -26.58
N ARG B 83 31.48 -5.55 -26.96
CA ARG B 83 32.14 -4.67 -26.00
C ARG B 83 31.12 -3.94 -25.13
N PHE B 84 30.04 -3.44 -25.74
CA PHE B 84 29.17 -2.47 -25.01
C PHE B 84 27.72 -2.89 -24.87
N GLY B 85 27.30 -3.96 -25.56
CA GLY B 85 25.87 -4.38 -25.41
C GLY B 85 24.92 -3.61 -26.34
N VAL B 86 25.47 -2.63 -27.06
CA VAL B 86 24.72 -1.75 -27.97
C VAL B 86 25.56 -1.50 -29.23
N ASN B 87 24.88 -1.13 -30.31
CA ASN B 87 25.55 -0.58 -31.47
C ASN B 87 25.93 0.87 -31.35
N THR B 88 27.06 1.19 -31.96
CA THR B 88 27.53 2.54 -31.96
C THR B 88 28.62 2.63 -33.01
N GLU B 89 28.68 3.74 -33.73
CA GLU B 89 29.83 4.05 -34.59
C GLU B 89 30.75 5.05 -33.90
N ASN B 90 30.58 5.21 -32.60
CA ASN B 90 31.34 6.19 -31.82
C ASN B 90 31.94 5.46 -30.63
N GLU B 91 32.70 4.40 -30.89
CA GLU B 91 33.16 3.50 -29.82
C GLU B 91 34.10 4.16 -28.88
N ASP B 92 35.04 4.94 -29.40
CA ASP B 92 36.00 5.58 -28.52
C ASP B 92 35.30 6.64 -27.67
N HIS B 93 34.36 7.38 -28.28
CA HIS B 93 33.56 8.34 -27.52
C HIS B 93 32.71 7.66 -26.44
N LEU B 94 32.05 6.54 -26.78
CA LEU B 94 31.18 5.84 -25.82
C LEU B 94 32.04 5.39 -24.64
N ALA B 95 33.19 4.77 -24.97
CA ALA B 95 34.10 4.21 -23.96
C ALA B 95 34.51 5.32 -22.99
N LYS B 96 34.82 6.49 -23.54
CA LYS B 96 35.25 7.65 -22.75
C LYS B 96 34.15 8.09 -21.77
N GLU B 97 32.91 8.19 -22.26
CA GLU B 97 31.83 8.53 -21.38
C GLU B 97 31.68 7.50 -20.26
N LEU B 98 31.81 6.23 -20.62
CA LEU B 98 31.63 5.13 -19.61
C LEU B 98 32.77 5.06 -18.54
N GLU B 99 33.89 5.75 -18.80
CA GLU B 99 34.96 5.96 -17.74
C GLU B 99 34.43 6.57 -16.44
N ASP B 100 33.32 7.33 -16.55
CA ASP B 100 32.69 8.03 -15.42
C ASP B 100 31.58 7.18 -14.72
N LEU B 101 31.51 5.89 -15.00
CA LEU B 101 30.41 5.04 -14.52
C LEU B 101 30.21 5.07 -12.99
N ASN B 102 31.31 5.09 -12.25
CA ASN B 102 31.24 5.11 -10.78
C ASN B 102 31.08 6.51 -10.17
N LYS B 103 30.87 7.55 -11.00
CA LYS B 103 30.80 8.97 -10.48
C LYS B 103 29.45 9.62 -10.69
N TRP B 104 29.07 10.49 -9.76
CA TRP B 104 27.83 11.31 -9.90
C TRP B 104 27.83 12.16 -11.15
N GLY B 105 29.03 12.56 -11.60
CA GLY B 105 29.13 13.43 -12.77
C GLY B 105 29.02 12.73 -14.12
N LEU B 106 28.77 11.43 -14.17
CA LEU B 106 28.50 10.74 -15.51
C LEU B 106 27.43 11.55 -16.31
N ASN B 107 27.56 11.63 -17.64
CA ASN B 107 26.58 12.39 -18.44
C ASN B 107 25.77 11.41 -19.28
N ILE B 108 24.55 11.07 -18.81
CA ILE B 108 23.75 10.05 -19.50
C ILE B 108 23.21 10.51 -20.88
N PHE B 109 23.11 11.83 -21.06
CA PHE B 109 22.70 12.38 -22.36
C PHE B 109 23.74 11.98 -23.41
N ASN B 110 25.01 12.12 -23.05
CA ASN B 110 26.04 11.73 -24.00
C ASN B 110 26.06 10.24 -24.24
N VAL B 111 25.89 9.43 -23.19
CA VAL B 111 25.78 8.00 -23.39
C VAL B 111 24.66 7.69 -24.39
N ALA B 112 23.53 8.36 -24.23
CA ALA B 112 22.45 8.19 -25.18
C ALA B 112 22.87 8.53 -26.63
N GLY B 113 23.60 9.62 -26.78
CA GLY B 113 24.02 10.12 -28.11
C GLY B 113 24.96 9.16 -28.77
N TYR B 114 25.78 8.45 -27.99
CA TYR B 114 26.80 7.54 -28.58
C TYR B 114 26.37 6.08 -28.61
N SER B 115 25.13 5.79 -28.20
CA SER B 115 24.61 4.42 -28.21
C SER B 115 23.36 4.17 -29.11
N HIS B 116 23.20 4.99 -30.16
CA HIS B 116 21.94 5.00 -30.93
C HIS B 116 20.70 5.13 -30.07
N ASN B 117 20.78 6.03 -29.10
CA ASN B 117 19.72 6.18 -28.13
C ASN B 117 19.25 4.93 -27.39
N ARG B 118 20.22 4.17 -26.91
CA ARG B 118 19.90 3.03 -26.04
C ARG B 118 20.64 3.21 -24.69
N PRO B 119 20.38 4.33 -23.99
CA PRO B 119 21.13 4.59 -22.74
C PRO B 119 20.84 3.52 -21.67
N LEU B 120 19.62 2.96 -21.63
CA LEU B 120 19.25 2.05 -20.53
C LEU B 120 19.95 0.71 -20.75
N THR B 121 19.98 0.23 -21.98
CA THR B 121 20.66 -1.04 -22.24
C THR B 121 22.17 -0.83 -22.00
N CYS B 122 22.71 0.28 -22.55
CA CYS B 122 24.12 0.52 -22.45
C CYS B 122 24.57 0.59 -20.97
N ILE B 123 23.89 1.43 -20.20
CA ILE B 123 24.34 1.71 -18.83
C ILE B 123 24.18 0.47 -17.94
N MET B 124 23.11 -0.27 -18.17
CA MET B 124 22.85 -1.51 -17.40
C MET B 124 23.89 -2.57 -17.70
N TYR B 125 24.27 -2.76 -18.97
CA TYR B 125 25.39 -3.65 -19.30
C TYR B 125 26.68 -3.20 -18.58
N ALA B 126 26.95 -1.89 -18.60
CA ALA B 126 28.19 -1.40 -18.01
C ALA B 126 28.23 -1.66 -16.52
N ILE B 127 27.09 -1.37 -15.90
CA ILE B 127 26.97 -1.57 -14.43
C ILE B 127 27.15 -3.07 -14.10
N PHE B 128 26.46 -3.94 -14.82
CA PHE B 128 26.49 -5.38 -14.50
C PHE B 128 27.89 -5.94 -14.78
N GLN B 129 28.59 -5.46 -15.82
CA GLN B 129 29.98 -5.89 -16.01
C GLN B 129 30.85 -5.38 -14.86
N GLU B 130 30.69 -4.11 -14.47
CA GLU B 130 31.55 -3.54 -13.40
C GLU B 130 31.39 -4.31 -12.08
N ARG B 131 30.15 -4.69 -11.79
CA ARG B 131 29.88 -5.39 -10.51
C ARG B 131 29.95 -6.92 -10.58
N ASP B 132 30.32 -7.48 -11.73
CA ASP B 132 30.42 -8.94 -11.88
C ASP B 132 29.06 -9.65 -11.70
N LEU B 133 27.94 -8.93 -11.91
CA LEU B 133 26.61 -9.49 -11.59
C LEU B 133 26.21 -10.62 -12.56
N LEU B 134 26.71 -10.58 -13.80
CA LEU B 134 26.38 -11.64 -14.76
C LEU B 134 27.09 -12.94 -14.32
N LYS B 135 28.29 -12.81 -13.74
CA LYS B 135 29.01 -13.99 -13.21
C LYS B 135 28.33 -14.51 -11.95
N THR B 136 28.10 -13.63 -10.99
CA THR B 136 27.49 -14.07 -9.71
C THR B 136 26.14 -14.76 -9.86
N PHE B 137 25.30 -14.25 -10.80
CA PHE B 137 23.96 -14.79 -10.98
C PHE B 137 23.79 -15.63 -12.25
N ARG B 138 24.92 -15.95 -12.88
CA ARG B 138 24.94 -16.84 -14.05
C ARG B 138 23.93 -16.43 -15.14
N ILE B 139 24.13 -15.21 -15.59
CA ILE B 139 23.26 -14.60 -16.59
C ILE B 139 24.12 -14.43 -17.88
N SER B 140 23.65 -14.96 -19.01
CA SER B 140 24.47 -14.79 -20.23
C SER B 140 24.38 -13.33 -20.72
N SER B 141 25.43 -12.87 -21.41
CA SER B 141 25.31 -11.54 -22.03
C SER B 141 24.15 -11.51 -22.95
N ASP B 142 23.94 -12.57 -23.75
CA ASP B 142 22.80 -12.47 -24.69
C ASP B 142 21.43 -12.32 -23.99
N THR B 143 21.19 -13.11 -22.95
CA THR B 143 19.88 -12.98 -22.25
C THR B 143 19.74 -11.56 -21.65
N PHE B 144 20.84 -11.05 -21.08
CA PHE B 144 20.80 -9.77 -20.42
C PHE B 144 20.47 -8.64 -21.40
N ILE B 145 21.19 -8.67 -22.53
CA ILE B 145 21.00 -7.63 -23.55
C ILE B 145 19.57 -7.76 -24.14
N THR B 146 19.11 -8.99 -24.35
CA THR B 146 17.74 -9.20 -24.91
C THR B 146 16.69 -8.65 -23.98
N TYR B 147 16.80 -8.96 -22.67
CA TYR B 147 15.85 -8.42 -21.72
C TYR B 147 15.95 -6.89 -21.62
N MET B 148 17.18 -6.35 -21.61
CA MET B 148 17.33 -4.91 -21.42
C MET B 148 16.76 -4.19 -22.66
N MET B 149 17.03 -4.72 -23.85
CA MET B 149 16.52 -4.06 -25.08
C MET B 149 14.99 -4.04 -25.01
N THR B 150 14.36 -5.14 -24.60
CA THR B 150 12.91 -5.18 -24.59
C THR B 150 12.33 -4.26 -23.54
N LEU B 151 13.00 -4.23 -22.36
CA LEU B 151 12.62 -3.29 -21.34
C LEU B 151 12.72 -1.84 -21.82
N GLU B 152 13.85 -1.50 -22.45
CA GLU B 152 14.02 -0.18 -23.01
C GLU B 152 12.91 0.20 -24.09
N ASP B 153 12.51 -0.80 -24.87
CA ASP B 153 11.49 -0.60 -25.92
C ASP B 153 10.13 -0.36 -25.28
N HIS B 154 9.94 -0.80 -24.04
CA HIS B 154 8.69 -0.55 -23.30
C HIS B 154 8.63 0.75 -22.54
N TYR B 155 9.63 1.62 -22.67
CA TYR B 155 9.53 2.97 -22.22
C TYR B 155 9.14 3.77 -23.47
N HIS B 156 8.21 4.68 -23.34
CA HIS B 156 7.71 5.37 -24.55
C HIS B 156 8.66 6.55 -24.91
N SER B 157 9.24 6.58 -26.15
CA SER B 157 10.15 7.66 -26.65
C SER B 157 9.42 8.96 -26.63
N ASP B 158 8.11 8.91 -26.81
CA ASP B 158 7.37 10.13 -27.03
C ASP B 158 6.83 10.76 -25.75
N VAL B 159 7.15 10.17 -24.60
CA VAL B 159 6.88 10.82 -23.28
C VAL B 159 8.15 11.59 -22.93
N ALA B 160 8.01 12.86 -22.56
CA ALA B 160 9.16 13.77 -22.56
C ALA B 160 10.17 13.48 -21.48
N TYR B 161 9.69 13.05 -20.29
CA TYR B 161 10.62 12.84 -19.14
C TYR B 161 10.66 11.37 -18.74
N HIS B 162 9.46 10.74 -18.53
CA HIS B 162 9.46 9.30 -18.13
C HIS B 162 9.72 8.26 -19.26
N ASN B 163 10.90 8.32 -19.87
CA ASN B 163 11.29 7.47 -21.00
C ASN B 163 12.59 6.78 -20.54
N SER B 164 13.24 6.02 -21.44
CA SER B 164 14.38 5.22 -20.96
C SER B 164 15.59 6.00 -20.48
N LEU B 165 15.73 7.25 -20.86
CA LEU B 165 16.89 8.07 -20.44
C LEU B 165 16.79 8.29 -18.94
N HIS B 166 15.58 8.58 -18.47
CA HIS B 166 15.30 8.72 -17.03
C HIS B 166 15.59 7.42 -16.28
N ALA B 167 15.07 6.30 -16.80
CA ALA B 167 15.42 4.96 -16.22
C ALA B 167 16.92 4.72 -16.15
N ALA B 168 17.61 5.03 -17.24
CA ALA B 168 19.09 4.85 -17.26
C ALA B 168 19.78 5.70 -16.20
N ASP B 169 19.33 6.93 -16.05
CA ASP B 169 19.86 7.84 -15.06
C ASP B 169 19.62 7.31 -13.65
N VAL B 170 18.40 6.89 -13.34
CA VAL B 170 18.11 6.37 -11.99
C VAL B 170 18.90 5.07 -11.68
N ALA B 171 19.09 4.20 -12.68
CA ALA B 171 19.91 2.98 -12.48
C ALA B 171 21.37 3.37 -12.21
N GLN B 172 21.92 4.34 -13.00
CA GLN B 172 23.34 4.77 -12.80
C GLN B 172 23.55 5.48 -11.44
N SER B 173 22.56 6.28 -11.05
CA SER B 173 22.60 6.97 -9.74
C SER B 173 22.50 5.97 -8.60
N THR B 174 21.64 4.97 -8.72
CA THR B 174 21.54 3.89 -7.74
C THR B 174 22.84 3.06 -7.64
N HIS B 175 23.44 2.77 -8.79
CA HIS B 175 24.78 2.10 -8.81
C HIS B 175 25.82 2.90 -7.99
N VAL B 176 25.83 4.25 -8.11
CA VAL B 176 26.79 5.08 -7.34
C VAL B 176 26.43 5.04 -5.85
N LEU B 177 25.11 5.19 -5.54
CA LEU B 177 24.71 5.26 -4.12
C LEU B 177 24.99 3.91 -3.41
N LEU B 178 24.88 2.79 -4.12
CA LEU B 178 25.13 1.49 -3.47
C LEU B 178 26.54 1.37 -2.94
N SER B 179 27.46 2.10 -3.59
CA SER B 179 28.92 2.10 -3.19
C SER B 179 29.31 3.15 -2.19
N THR B 180 28.30 3.80 -1.62
CA THR B 180 28.52 4.74 -0.48
C THR B 180 29.40 4.06 0.62
N PRO B 181 30.52 4.64 0.99
CA PRO B 181 31.39 3.92 2.00
C PRO B 181 30.71 3.46 3.31
N ALA B 182 29.77 4.25 3.86
CA ALA B 182 29.02 3.86 5.08
C ALA B 182 28.16 2.61 4.89
N LEU B 183 27.98 2.21 3.63
CA LEU B 183 27.14 1.09 3.34
C LEU B 183 27.97 -0.09 2.88
N ASP B 184 29.29 0.03 3.02
CA ASP B 184 30.18 -1.06 2.52
C ASP B 184 29.93 -2.41 3.20
N ALA B 185 29.65 -3.46 2.40
CA ALA B 185 29.43 -4.84 2.87
C ALA B 185 28.09 -4.99 3.61
N VAL B 186 27.26 -3.97 3.58
CA VAL B 186 26.03 -4.04 4.33
C VAL B 186 25.01 -4.90 3.57
N PHE B 187 24.96 -4.73 2.24
CA PHE B 187 23.97 -5.44 1.43
C PHE B 187 24.51 -6.74 0.80
N THR B 188 23.66 -7.75 0.71
CA THR B 188 23.97 -8.97 -0.06
C THR B 188 23.99 -8.73 -1.56
N ASP B 189 24.63 -9.62 -2.32
CA ASP B 189 24.59 -9.53 -3.79
C ASP B 189 23.16 -9.53 -4.33
N LEU B 190 22.26 -10.29 -3.69
CA LEU B 190 20.85 -10.33 -4.12
C LEU B 190 20.20 -8.96 -3.93
N GLU B 191 20.55 -8.28 -2.82
CA GLU B 191 19.96 -6.93 -2.51
C GLU B 191 20.51 -5.95 -3.51
N ILE B 192 21.80 -6.08 -3.92
CA ILE B 192 22.41 -5.20 -4.92
C ILE B 192 21.71 -5.43 -6.28
N LEU B 193 21.57 -6.69 -6.67
CA LEU B 193 20.88 -7.04 -7.94
C LEU B 193 19.45 -6.47 -7.93
N ALA B 194 18.73 -6.67 -6.81
CA ALA B 194 17.33 -6.16 -6.73
C ALA B 194 17.23 -4.62 -6.87
N ALA B 195 18.16 -3.89 -6.24
CA ALA B 195 18.14 -2.44 -6.30
C ALA B 195 18.35 -1.90 -7.69
N ILE B 196 19.36 -2.46 -8.39
CA ILE B 196 19.69 -1.94 -9.71
C ILE B 196 18.55 -2.34 -10.68
N PHE B 197 17.99 -3.55 -10.54
CA PHE B 197 16.85 -3.97 -11.42
C PHE B 197 15.64 -3.10 -11.11
N ALA B 198 15.36 -2.83 -9.83
CA ALA B 198 14.21 -1.95 -9.48
C ALA B 198 14.39 -0.56 -10.11
N ALA B 199 15.60 0.00 -10.04
CA ALA B 199 15.84 1.32 -10.70
C ALA B 199 15.59 1.26 -12.19
N ALA B 200 16.05 0.19 -12.83
CA ALA B 200 15.83 0.06 -14.31
C ALA B 200 14.37 -0.04 -14.72
N ILE B 201 13.56 -0.72 -13.89
CA ILE B 201 12.15 -1.01 -14.30
C ILE B 201 11.20 0.02 -13.75
N HIS B 202 11.67 0.94 -12.91
CA HIS B 202 10.74 1.60 -12.00
C HIS B 202 9.69 2.54 -12.63
N ASP B 203 9.89 2.89 -13.90
CA ASP B 203 8.88 3.74 -14.61
C ASP B 203 8.46 3.12 -15.97
N VAL B 204 8.68 1.83 -16.18
CA VAL B 204 8.42 1.24 -17.53
C VAL B 204 6.96 1.34 -17.95
N ASP B 205 6.73 1.68 -19.21
CA ASP B 205 5.38 1.81 -19.75
C ASP B 205 4.64 2.98 -19.11
N HIS B 206 5.38 4.02 -18.70
CA HIS B 206 4.67 5.19 -18.15
C HIS B 206 3.98 5.92 -19.25
N PRO B 207 2.70 6.26 -19.08
CA PRO B 207 1.91 6.93 -20.18
C PRO B 207 2.10 8.46 -20.23
N GLY B 208 2.89 9.02 -19.33
CA GLY B 208 3.11 10.50 -19.24
C GLY B 208 2.03 11.32 -18.55
N VAL B 209 1.22 10.65 -17.73
CA VAL B 209 0.19 11.34 -16.94
C VAL B 209 0.30 10.79 -15.52
N SER B 210 -0.24 11.52 -14.56
CA SER B 210 -0.15 11.17 -13.17
C SER B 210 -1.11 10.09 -12.71
N ASN B 211 -0.81 9.52 -11.53
CA ASN B 211 -1.79 8.66 -10.88
C ASN B 211 -3.11 9.38 -10.74
N GLN B 212 -3.08 10.65 -10.32
CA GLN B 212 -4.33 11.34 -10.16
C GLN B 212 -5.17 11.47 -11.48
N PHE B 213 -4.50 11.67 -12.62
CA PHE B 213 -5.19 11.72 -13.92
C PHE B 213 -5.86 10.35 -14.13
N LEU B 214 -5.12 9.24 -13.90
CA LEU B 214 -5.71 7.90 -14.15
C LEU B 214 -6.91 7.60 -13.25
N ILE B 215 -6.84 8.08 -12.02
CA ILE B 215 -7.94 7.91 -11.05
C ILE B 215 -9.13 8.75 -11.44
N ASN B 216 -8.85 9.99 -11.87
CA ASN B 216 -9.92 10.93 -12.26
C ASN B 216 -10.69 10.52 -13.49
N THR B 217 -10.03 9.79 -14.39
CA THR B 217 -10.70 9.30 -15.61
C THR B 217 -11.25 7.90 -15.43
N ASN B 218 -11.13 7.34 -14.23
CA ASN B 218 -11.61 5.98 -13.94
C ASN B 218 -11.02 4.93 -14.88
N SER B 219 -9.77 5.15 -15.19
CA SER B 219 -8.82 4.25 -15.90
C SER B 219 -9.02 2.82 -15.40
N GLU B 220 -9.15 1.84 -16.29
CA GLU B 220 -9.29 0.43 -15.81
C GLU B 220 -7.99 0.06 -15.04
N LEU B 221 -6.88 0.71 -15.36
CA LEU B 221 -5.69 0.59 -14.59
C LEU B 221 -5.85 1.04 -13.09
N ALA B 222 -6.49 2.19 -12.87
CA ALA B 222 -6.72 2.66 -11.52
C ALA B 222 -7.72 1.73 -10.88
N LEU B 223 -8.78 1.28 -11.59
CA LEU B 223 -9.74 0.36 -10.98
C LEU B 223 -9.10 -0.95 -10.52
N MET B 224 -8.18 -1.45 -11.34
CA MET B 224 -7.59 -2.76 -11.03
C MET B 224 -6.76 -2.70 -9.76
N TYR B 225 -6.20 -1.55 -9.45
CA TYR B 225 -5.32 -1.47 -8.26
C TYR B 225 -6.03 -0.70 -7.13
N ASN B 226 -7.34 -0.49 -7.22
CA ASN B 226 -8.11 0.21 -6.16
C ASN B 226 -7.46 1.58 -5.85
N ASP B 227 -7.01 2.24 -6.91
CA ASP B 227 -6.49 3.63 -6.90
C ASP B 227 -5.16 3.78 -6.10
N GLU B 228 -4.63 2.65 -5.67
CA GLU B 228 -3.36 2.67 -4.86
C GLU B 228 -2.12 2.52 -5.73
N SER B 229 -1.21 3.48 -5.64
CA SER B 229 0.09 3.45 -6.37
C SER B 229 -0.12 2.90 -7.79
N VAL B 230 -1.04 3.55 -8.51
CA VAL B 230 -1.49 2.92 -9.77
C VAL B 230 -0.36 2.65 -10.74
N LEU B 231 0.36 3.73 -11.06
CA LEU B 231 1.44 3.55 -12.06
C LEU B 231 2.52 2.63 -11.54
N GLU B 232 2.83 2.75 -10.24
CA GLU B 232 4.00 2.00 -9.68
C GLU B 232 3.66 0.48 -9.68
N ASN B 233 2.40 0.09 -9.37
CA ASN B 233 1.93 -1.27 -9.55
C ASN B 233 2.08 -1.70 -11.01
N HIS B 234 1.72 -0.82 -11.93
CA HIS B 234 1.81 -1.14 -13.36
C HIS B 234 3.27 -1.33 -13.80
N HIS B 235 4.20 -0.49 -13.33
CA HIS B 235 5.63 -0.58 -13.72
C HIS B 235 6.11 -1.98 -13.28
N LEU B 236 5.70 -2.37 -12.06
CA LEU B 236 6.11 -3.73 -11.59
C LEU B 236 5.52 -4.83 -12.45
N ALA B 237 4.23 -4.71 -12.75
CA ALA B 237 3.58 -5.71 -13.58
C ALA B 237 4.30 -5.90 -14.94
N VAL B 238 4.57 -4.78 -15.65
CA VAL B 238 5.22 -4.90 -16.95
C VAL B 238 6.68 -5.37 -16.81
N GLY B 239 7.42 -4.78 -15.88
CA GLY B 239 8.87 -5.17 -15.73
C GLY B 239 9.02 -6.69 -15.50
N PHE B 240 8.17 -7.24 -14.62
CA PHE B 240 8.19 -8.69 -14.30
C PHE B 240 7.65 -9.53 -15.45
N LYS B 241 6.62 -9.05 -16.17
CA LYS B 241 6.06 -9.81 -17.30
C LYS B 241 7.09 -9.99 -18.42
N LEU B 242 7.94 -9.01 -18.62
CA LEU B 242 8.87 -9.04 -19.75
C LEU B 242 9.89 -10.17 -19.53
N LEU B 243 10.09 -10.58 -18.27
CA LEU B 243 10.99 -11.74 -18.04
C LEU B 243 10.52 -12.98 -18.79
N GLN B 244 9.24 -13.06 -19.16
CA GLN B 244 8.69 -14.25 -19.81
C GLN B 244 8.88 -14.24 -21.30
N GLU B 245 9.42 -13.17 -21.86
CA GLU B 245 9.62 -13.13 -23.29
C GLU B 245 10.78 -14.06 -23.64
N GLU B 246 10.83 -14.55 -24.88
CA GLU B 246 11.87 -15.52 -25.22
C GLU B 246 13.29 -14.95 -25.02
N HIS B 247 14.16 -15.75 -24.38
CA HIS B 247 15.56 -15.34 -24.13
C HIS B 247 15.68 -14.15 -23.23
N CYS B 248 14.68 -13.90 -22.36
CA CYS B 248 14.69 -12.72 -21.49
C CYS B 248 14.76 -13.00 -19.97
N ASP B 249 14.81 -14.26 -19.57
CA ASP B 249 14.69 -14.52 -18.08
C ASP B 249 16.07 -14.42 -17.44
N ILE B 250 16.42 -13.19 -17.07
CA ILE B 250 17.69 -12.92 -16.44
C ILE B 250 17.77 -13.55 -15.02
N PHE B 251 16.64 -14.05 -14.50
CA PHE B 251 16.72 -14.68 -13.16
C PHE B 251 16.58 -16.17 -13.17
N MET B 252 16.73 -16.78 -14.34
CA MET B 252 16.51 -18.21 -14.49
C MET B 252 17.37 -19.05 -13.56
N ASN B 253 18.61 -18.62 -13.27
CA ASN B 253 19.49 -19.46 -12.43
C ASN B 253 19.48 -19.14 -10.95
N LEU B 254 18.67 -18.15 -10.53
CA LEU B 254 18.45 -18.00 -9.09
C LEU B 254 17.64 -19.24 -8.63
N THR B 255 17.76 -19.64 -7.36
CA THR B 255 16.86 -20.63 -6.79
C THR B 255 15.42 -20.06 -6.70
N LYS B 256 14.43 -20.96 -6.58
CA LYS B 256 13.03 -20.54 -6.37
C LYS B 256 12.93 -19.57 -5.17
N LYS B 257 13.68 -19.84 -4.10
CA LYS B 257 13.63 -18.99 -2.89
C LYS B 257 14.24 -17.61 -3.16
N GLN B 258 15.39 -17.58 -3.83
CA GLN B 258 15.97 -16.28 -4.22
C GLN B 258 15.04 -15.48 -5.13
N ARG B 259 14.35 -16.14 -6.07
CA ARG B 259 13.45 -15.43 -6.97
CA ARG B 259 13.42 -15.47 -6.99
C ARG B 259 12.29 -14.78 -6.18
N GLN B 260 11.77 -15.50 -5.18
CA GLN B 260 10.70 -14.96 -4.35
C GLN B 260 11.18 -13.77 -3.50
N THR B 261 12.33 -13.92 -2.93
CA THR B 261 12.97 -12.87 -2.13
C THR B 261 13.25 -11.65 -2.99
N LEU B 262 13.88 -11.86 -4.14
CA LEU B 262 14.14 -10.72 -5.02
C LEU B 262 12.84 -10.00 -5.45
N ARG B 263 11.82 -10.76 -5.84
CA ARG B 263 10.54 -10.16 -6.28
C ARG B 263 9.99 -9.21 -5.20
N LYS B 264 10.00 -9.68 -3.96
CA LYS B 264 9.53 -8.83 -2.83
C LYS B 264 10.40 -7.57 -2.61
N MET B 265 11.73 -7.71 -2.65
CA MET B 265 12.58 -6.50 -2.56
C MET B 265 12.31 -5.50 -3.68
N VAL B 266 12.21 -5.98 -4.93
CA VAL B 266 11.96 -5.08 -6.04
C VAL B 266 10.61 -4.37 -5.89
N ILE B 267 9.60 -5.12 -5.49
CA ILE B 267 8.25 -4.49 -5.24
C ILE B 267 8.39 -3.40 -4.19
N ASP B 268 9.10 -3.67 -3.09
CA ASP B 268 9.23 -2.63 -2.05
C ASP B 268 9.91 -1.37 -2.58
N MET B 269 10.98 -1.55 -3.35
CA MET B 269 11.72 -0.39 -3.88
C MET B 269 10.94 0.39 -4.94
N VAL B 270 10.20 -0.31 -5.82
CA VAL B 270 9.42 0.42 -6.85
C VAL B 270 8.21 1.08 -6.18
N LEU B 271 7.55 0.43 -5.23
CA LEU B 271 6.40 1.14 -4.59
C LEU B 271 6.85 2.33 -3.78
N ALA B 272 8.10 2.34 -3.28
CA ALA B 272 8.62 3.51 -2.55
C ALA B 272 8.87 4.76 -3.41
N THR B 273 8.72 4.62 -4.74
CA THR B 273 8.93 5.80 -5.66
C THR B 273 7.65 6.57 -5.84
N ASP B 274 6.54 6.06 -5.32
CA ASP B 274 5.26 6.83 -5.34
C ASP B 274 5.40 8.01 -4.37
N MET B 275 5.31 9.24 -4.91
CA MET B 275 5.54 10.43 -4.09
C MET B 275 4.49 10.63 -2.99
N SER B 276 3.36 9.94 -3.05
CA SER B 276 2.43 10.00 -1.92
C SER B 276 3.00 9.33 -0.65
N LYS B 277 4.06 8.54 -0.82
CA LYS B 277 4.75 7.92 0.29
C LYS B 277 5.95 8.72 0.78
N HIS B 278 6.28 9.83 0.12
CA HIS B 278 7.49 10.59 0.45
C HIS B 278 7.63 11.03 1.92
N MET B 279 6.54 11.57 2.50
CA MET B 279 6.64 12.13 3.84
CA MET B 279 6.55 12.10 3.86
C MET B 279 6.84 11.00 4.85
N SER B 280 6.23 9.85 4.60
CA SER B 280 6.49 8.78 5.54
C SER B 280 7.83 8.10 5.35
N LEU B 281 8.37 8.04 4.13
CA LEU B 281 9.75 7.53 3.91
C LEU B 281 10.76 8.44 4.59
N LEU B 282 10.55 9.74 4.42
CA LEU B 282 11.47 10.72 5.02
C LEU B 282 11.44 10.63 6.55
N ALA B 283 10.22 10.48 7.13
CA ALA B 283 10.08 10.34 8.57
C ALA B 283 10.88 9.14 9.09
N ASP B 284 10.81 8.02 8.38
CA ASP B 284 11.55 6.81 8.73
C ASP B 284 13.06 7.02 8.63
N LEU B 285 13.50 7.67 7.56
CA LEU B 285 14.90 7.98 7.39
C LEU B 285 15.42 8.89 8.51
N LYS B 286 14.64 9.91 8.92
CA LYS B 286 15.06 10.77 10.00
C LYS B 286 15.17 9.93 11.27
N THR B 287 14.21 9.04 11.47
CA THR B 287 14.27 8.22 12.71
C THR B 287 15.53 7.29 12.70
N MET B 288 15.91 6.81 11.53
CA MET B 288 17.16 6.03 11.32
C MET B 288 18.44 6.84 11.61
N VAL B 289 18.49 8.10 11.18
CA VAL B 289 19.61 9.01 11.52
C VAL B 289 19.70 9.24 13.02
N GLU B 290 18.53 9.44 13.64
CA GLU B 290 18.49 9.70 15.07
C GLU B 290 18.97 8.52 15.88
N THR B 291 18.83 7.33 15.33
CA THR B 291 19.18 6.15 16.09
C THR B 291 20.38 5.43 15.49
N LYS B 292 21.12 6.08 14.57
CA LYS B 292 22.19 5.35 13.85
C LYS B 292 23.31 4.84 14.76
N LYS B 293 23.75 3.64 14.41
CA LYS B 293 24.80 2.92 15.11
C LYS B 293 25.83 2.57 14.05
N VAL B 294 27.11 2.70 14.39
CA VAL B 294 28.15 2.49 13.40
C VAL B 294 29.17 1.49 13.97
N THR B 295 29.77 0.65 13.12
CA THR B 295 30.87 -0.23 13.59
C THR B 295 32.17 0.54 13.84
N SER B 296 33.19 -0.12 14.37
CA SER B 296 34.45 0.56 14.60
C SER B 296 35.11 0.96 13.25
N SER B 297 34.66 0.32 12.17
CA SER B 297 35.07 0.66 10.81
C SER B 297 34.31 1.86 10.17
N GLY B 298 33.43 2.55 10.92
CA GLY B 298 32.57 3.61 10.36
C GLY B 298 31.45 3.10 9.42
N VAL B 299 31.14 1.81 9.45
CA VAL B 299 30.06 1.27 8.57
C VAL B 299 28.75 1.21 9.37
N LEU B 300 27.65 1.59 8.73
CA LEU B 300 26.35 1.46 9.41
C LEU B 300 26.01 0.01 9.82
N LEU B 301 25.47 -0.15 11.04
CA LEU B 301 24.95 -1.43 11.50
C LEU B 301 23.47 -1.56 11.17
N LEU B 302 23.14 -2.50 10.28
CA LEU B 302 21.79 -2.70 9.77
C LEU B 302 21.47 -4.19 9.85
N ASP B 303 21.29 -4.60 11.11
CA ASP B 303 21.07 -5.97 11.51
C ASP B 303 19.97 -6.64 10.69
N ASN B 304 18.74 -6.26 10.99
CA ASN B 304 17.59 -6.92 10.42
C ASN B 304 17.34 -6.50 8.96
N TYR B 305 16.74 -7.41 8.23
CA TYR B 305 16.28 -7.15 6.91
C TYR B 305 15.38 -5.90 6.85
N THR B 306 14.48 -5.75 7.81
CA THR B 306 13.61 -4.56 7.92
C THR B 306 14.35 -3.20 7.79
N ASP B 307 15.49 -3.09 8.45
CA ASP B 307 16.33 -1.91 8.39
C ASP B 307 16.97 -1.76 7.00
N ARG B 308 17.51 -2.86 6.48
CA ARG B 308 18.22 -2.84 5.20
C ARG B 308 17.24 -2.42 4.11
N ILE B 309 16.00 -2.96 4.12
CA ILE B 309 15.04 -2.58 3.03
C ILE B 309 14.61 -1.11 3.15
N GLN B 310 14.64 -0.55 4.37
CA GLN B 310 14.32 0.85 4.57
C GLN B 310 15.36 1.80 3.93
N VAL B 311 16.65 1.48 4.15
CA VAL B 311 17.71 2.23 3.49
C VAL B 311 17.62 2.04 1.97
N LEU B 312 17.41 0.81 1.50
CA LEU B 312 17.25 0.59 0.01
C LEU B 312 16.06 1.34 -0.59
N ARG B 313 14.92 1.39 0.10
CA ARG B 313 13.76 2.19 -0.43
C ARG B 313 14.12 3.63 -0.56
N ASN B 314 14.73 4.17 0.52
CA ASN B 314 15.13 5.55 0.50
C ASN B 314 16.18 5.83 -0.53
N MET B 315 17.03 4.83 -0.82
CA MET B 315 18.12 5.01 -1.78
C MET B 315 17.54 5.18 -3.17
N VAL B 316 16.62 4.30 -3.58
CA VAL B 316 16.05 4.38 -4.90
C VAL B 316 15.20 5.68 -5.01
N HIS B 317 14.50 6.03 -3.96
CA HIS B 317 13.77 7.31 -3.97
C HIS B 317 14.72 8.53 -4.11
N CYS B 318 15.86 8.55 -3.43
CA CYS B 318 16.87 9.62 -3.59
C CYS B 318 17.37 9.66 -5.05
N ALA B 319 17.63 8.49 -5.63
CA ALA B 319 18.05 8.46 -7.04
C ALA B 319 16.99 9.06 -7.98
N ASP B 320 15.73 8.74 -7.73
CA ASP B 320 14.58 9.20 -8.55
C ASP B 320 14.48 10.72 -8.36
N LEU B 321 14.85 11.23 -7.17
CA LEU B 321 14.84 12.69 -6.88
C LEU B 321 16.25 13.33 -6.95
N SER B 322 17.09 12.81 -7.83
CA SER B 322 18.47 13.32 -7.88
C SER B 322 18.76 14.39 -8.91
N ASN B 323 17.82 14.70 -9.81
CA ASN B 323 18.16 15.69 -10.83
C ASN B 323 18.76 17.01 -10.38
N PRO B 324 18.18 17.65 -9.35
CA PRO B 324 18.70 18.93 -8.91
C PRO B 324 20.10 18.83 -8.21
N THR B 325 20.58 17.60 -8.01
CA THR B 325 21.90 17.44 -7.35
C THR B 325 23.02 17.18 -8.37
N LYS B 326 22.65 17.10 -9.66
CA LYS B 326 23.66 16.85 -10.67
C LYS B 326 24.21 18.20 -11.15
N SER B 327 25.24 18.16 -11.97
CA SER B 327 25.73 19.39 -12.53
C SER B 327 24.60 20.21 -13.18
N LEU B 328 24.74 21.53 -13.15
CA LEU B 328 23.73 22.41 -13.72
C LEU B 328 23.37 22.08 -15.18
N GLU B 329 24.37 21.73 -16.01
CA GLU B 329 24.11 21.40 -17.42
C GLU B 329 23.09 20.25 -17.53
N LEU B 330 23.22 19.25 -16.66
CA LEU B 330 22.33 18.07 -16.67
C LEU B 330 20.97 18.47 -16.08
N TYR B 331 21.01 19.11 -14.92
CA TYR B 331 19.79 19.49 -14.23
C TYR B 331 18.84 20.35 -15.13
N ARG B 332 19.40 21.30 -15.89
CA ARG B 332 18.53 22.18 -16.73
C ARG B 332 17.78 21.35 -17.80
N GLN B 333 18.48 20.38 -18.33
CA GLN B 333 17.87 19.48 -19.33
C GLN B 333 16.76 18.65 -18.73
N TRP B 334 17.01 18.14 -17.51
CA TRP B 334 15.91 17.40 -16.85
C TRP B 334 14.66 18.31 -16.61
N THR B 335 14.91 19.57 -16.25
CA THR B 335 13.79 20.49 -15.97
C THR B 335 12.99 20.72 -17.23
N ASP B 336 13.70 20.88 -18.33
CA ASP B 336 13.02 21.13 -19.63
C ASP B 336 12.11 19.94 -19.96
N ARG B 337 12.58 18.73 -19.67
CA ARG B 337 11.80 17.52 -20.00
C ARG B 337 10.60 17.35 -19.06
N ILE B 338 10.78 17.50 -17.74
CA ILE B 338 9.63 17.38 -16.82
C ILE B 338 8.52 18.42 -17.15
N MET B 339 8.93 19.65 -17.47
CA MET B 339 7.96 20.72 -17.73
C MET B 339 7.24 20.39 -19.03
N GLU B 340 7.97 19.87 -20.00
CA GLU B 340 7.36 19.48 -21.27
C GLU B 340 6.27 18.38 -21.03
N GLU B 341 6.56 17.39 -20.18
CA GLU B 341 5.64 16.27 -19.94
C GLU B 341 4.42 16.79 -19.18
N PHE B 342 4.64 17.68 -18.20
CA PHE B 342 3.50 18.27 -17.46
C PHE B 342 2.58 19.05 -18.45
N PHE B 343 3.18 19.81 -19.38
CA PHE B 343 2.38 20.61 -20.32
C PHE B 343 1.60 19.66 -21.23
N GLN B 344 2.23 18.54 -21.60
CA GLN B 344 1.58 17.62 -22.44
C GLN B 344 0.37 16.98 -21.71
N GLN B 345 0.51 16.75 -20.40
CA GLN B 345 -0.66 16.28 -19.63
C GLN B 345 -1.78 17.31 -19.69
N GLY B 346 -1.45 18.59 -19.62
CA GLY B 346 -2.49 19.64 -19.80
C GLY B 346 -3.21 19.51 -21.13
N ASP B 347 -2.47 19.20 -22.21
CA ASP B 347 -3.13 19.00 -23.52
C ASP B 347 -4.07 17.83 -23.48
N LYS B 348 -3.61 16.76 -22.84
CA LYS B 348 -4.40 15.53 -22.66
C LYS B 348 -5.65 15.84 -21.86
N GLU B 349 -5.56 16.71 -20.84
CA GLU B 349 -6.78 17.14 -20.09
C GLU B 349 -7.71 17.92 -20.98
N ARG B 350 -7.13 18.79 -21.81
CA ARG B 350 -7.99 19.62 -22.72
C ARG B 350 -8.76 18.74 -23.72
N GLU B 351 -8.07 17.80 -24.34
CA GLU B 351 -8.68 16.82 -25.24
C GLU B 351 -9.86 16.06 -24.59
N ARG B 352 -9.82 15.93 -23.27
CA ARG B 352 -10.83 15.13 -22.57
C ARG B 352 -11.86 16.05 -21.88
N GLY B 353 -11.72 17.36 -22.03
CA GLY B 353 -12.70 18.32 -21.42
C GLY B 353 -12.48 18.31 -19.89
N MET B 354 -11.29 17.95 -19.47
CA MET B 354 -10.96 17.97 -18.03
C MET B 354 -10.43 19.33 -17.64
N GLU B 355 -10.68 19.77 -16.40
CA GLU B 355 -9.83 20.83 -15.80
C GLU B 355 -8.30 20.60 -15.90
N ILE B 356 -7.56 21.64 -16.28
CA ILE B 356 -6.08 21.55 -16.31
C ILE B 356 -5.55 21.54 -14.86
N SER B 357 -4.74 20.55 -14.54
CA SER B 357 -4.11 20.33 -13.20
C SER B 357 -3.04 21.36 -12.89
N PRO B 358 -2.75 21.59 -11.57
CA PRO B 358 -1.60 22.37 -11.14
C PRO B 358 -0.37 21.97 -11.90
N MET B 359 0.41 22.96 -12.33
CA MET B 359 1.72 22.77 -12.94
C MET B 359 1.65 22.35 -14.41
N CYS B 360 0.44 22.06 -14.92
CA CYS B 360 0.29 21.52 -16.30
C CYS B 360 -0.15 22.54 -17.38
N ASP B 361 -0.23 23.80 -16.98
CA ASP B 361 -0.69 24.88 -17.82
C ASP B 361 0.50 25.77 -18.20
N LYS B 362 0.90 25.70 -19.47
CA LYS B 362 2.08 26.42 -19.88
C LYS B 362 1.79 27.92 -19.80
N HIS B 363 0.51 28.31 -19.84
CA HIS B 363 0.14 29.76 -19.78
C HIS B 363 0.43 30.42 -18.43
N THR B 364 0.47 29.60 -17.38
CA THR B 364 0.59 30.09 -16.03
C THR B 364 1.83 29.53 -15.32
N ALA B 365 2.67 28.80 -16.07
CA ALA B 365 3.88 28.15 -15.49
C ALA B 365 4.93 29.20 -15.10
N SER B 366 5.57 28.97 -13.96
CA SER B 366 6.73 29.75 -13.49
C SER B 366 7.84 28.72 -13.21
N VAL B 367 8.62 28.43 -14.24
CA VAL B 367 9.51 27.25 -14.18
C VAL B 367 10.57 27.39 -13.11
N GLU B 368 11.16 28.58 -13.03
CA GLU B 368 12.29 28.77 -12.13
C GLU B 368 11.83 28.76 -10.68
N LYS B 369 10.77 29.50 -10.41
CA LYS B 369 10.21 29.56 -9.07
C LYS B 369 9.75 28.19 -8.61
N SER B 370 9.13 27.43 -9.50
CA SER B 370 8.75 26.05 -9.14
C SER B 370 9.96 25.16 -8.85
N GLN B 371 11.09 25.33 -9.55
CA GLN B 371 12.28 24.52 -9.18
C GLN B 371 12.79 24.85 -7.80
N VAL B 372 12.77 26.14 -7.45
CA VAL B 372 13.25 26.61 -6.18
C VAL B 372 12.35 25.99 -5.09
N GLY B 373 11.03 26.03 -5.28
CA GLY B 373 10.12 25.39 -4.30
C GLY B 373 10.25 23.87 -4.19
N PHE B 374 10.52 23.20 -5.30
CA PHE B 374 10.76 21.76 -5.34
C PHE B 374 11.99 21.45 -4.49
N ILE B 375 13.06 22.25 -4.65
CA ILE B 375 14.28 22.03 -3.88
C ILE B 375 13.98 22.27 -2.40
N ASP B 376 13.31 23.38 -2.08
CA ASP B 376 13.19 23.83 -0.71
C ASP B 376 12.32 22.87 0.08
N TYR B 377 11.29 22.32 -0.55
CA TYR B 377 10.29 21.56 0.21
C TYR B 377 10.39 20.07 0.11
N ILE B 378 11.06 19.58 -0.93
CA ILE B 378 11.14 18.13 -1.15
C ILE B 378 12.59 17.66 -1.25
N VAL B 379 13.34 18.20 -2.22
CA VAL B 379 14.62 17.59 -2.56
C VAL B 379 15.68 17.87 -1.46
N HIS B 380 15.78 19.11 -1.00
CA HIS B 380 16.81 19.38 -0.01
C HIS B 380 16.52 18.66 1.35
N PRO B 381 15.27 18.70 1.84
CA PRO B 381 15.03 17.98 3.09
C PRO B 381 15.38 16.47 2.98
N LEU B 382 15.08 15.86 1.84
CA LEU B 382 15.45 14.45 1.63
C LEU B 382 16.97 14.25 1.63
N TRP B 383 17.68 15.02 0.78
CA TRP B 383 19.12 14.84 0.63
C TRP B 383 19.88 15.29 1.87
N GLU B 384 19.43 16.33 2.59
CA GLU B 384 20.11 16.65 3.85
C GLU B 384 20.09 15.46 4.85
N THR B 385 18.95 14.75 4.90
CA THR B 385 18.75 13.63 5.81
C THR B 385 19.59 12.41 5.35
N TRP B 386 19.54 12.07 4.05
CA TRP B 386 20.40 11.04 3.49
C TRP B 386 21.87 11.39 3.78
N ALA B 387 22.25 12.66 3.58
CA ALA B 387 23.63 13.06 3.85
C ALA B 387 24.05 12.84 5.29
N ASP B 388 23.15 13.06 6.22
CA ASP B 388 23.45 12.80 7.62
C ASP B 388 23.72 11.30 7.88
N LEU B 389 22.89 10.47 7.26
CA LEU B 389 23.01 9.01 7.37
C LEU B 389 24.39 8.58 6.92
N VAL B 390 24.82 9.08 5.76
CA VAL B 390 26.08 8.61 5.18
C VAL B 390 27.29 9.52 5.29
N GLN B 391 27.22 10.49 6.22
CA GLN B 391 28.23 11.54 6.30
C GLN B 391 29.66 10.95 6.35
N PRO B 392 30.60 11.54 5.59
CA PRO B 392 30.53 12.76 4.77
C PRO B 392 30.30 12.49 3.26
N ASP B 393 29.83 11.30 2.89
CA ASP B 393 29.86 10.85 1.47
C ASP B 393 29.07 11.74 0.50
N ALA B 394 27.99 12.35 1.00
CA ALA B 394 27.08 13.13 0.13
C ALA B 394 27.26 14.69 0.33
N GLN B 395 28.35 15.12 0.98
CA GLN B 395 28.62 16.56 1.10
C GLN B 395 28.63 17.33 -0.25
N ASP B 396 29.29 16.77 -1.26
CA ASP B 396 29.40 17.51 -2.54
C ASP B 396 28.04 17.55 -3.22
N ILE B 397 27.30 16.46 -3.10
CA ILE B 397 25.93 16.41 -3.64
C ILE B 397 25.07 17.55 -3.03
N LEU B 398 25.09 17.67 -1.70
CA LEU B 398 24.44 18.74 -0.98
C LEU B 398 24.92 20.11 -1.42
N ASP B 399 26.23 20.32 -1.57
CA ASP B 399 26.75 21.62 -2.04
C ASP B 399 26.29 22.01 -3.45
N THR B 400 26.25 21.04 -4.37
CA THR B 400 25.78 21.28 -5.73
C THR B 400 24.33 21.65 -5.71
N LEU B 401 23.58 20.92 -4.89
CA LEU B 401 22.15 21.17 -4.81
C LEU B 401 21.92 22.64 -4.41
N GLU B 402 22.73 23.11 -3.46
CA GLU B 402 22.56 24.46 -2.93
C GLU B 402 22.98 25.48 -3.99
N ASP B 403 24.05 25.19 -4.75
CA ASP B 403 24.47 26.06 -5.85
C ASP B 403 23.34 26.12 -6.92
N ASN B 404 22.73 24.98 -7.21
CA ASN B 404 21.75 24.89 -8.31
C ASN B 404 20.48 25.58 -7.91
N ARG B 405 20.12 25.45 -6.63
CA ARG B 405 19.04 26.26 -6.07
C ARG B 405 19.25 27.78 -6.27
N ASN B 406 20.45 28.27 -5.93
CA ASN B 406 20.74 29.69 -6.11
C ASN B 406 20.72 30.14 -7.56
N TRP B 407 21.11 29.25 -8.46
CA TRP B 407 21.10 29.55 -9.91
C TRP B 407 19.65 29.78 -10.40
N TYR B 408 18.76 28.84 -10.07
CA TYR B 408 17.36 28.97 -10.44
C TYR B 408 16.70 30.20 -9.82
N GLN B 409 17.00 30.46 -8.56
CA GLN B 409 16.51 31.66 -7.91
C GLN B 409 16.94 32.94 -8.65
N SER B 410 18.19 32.92 -9.10
CA SER B 410 18.79 34.07 -9.81
C SER B 410 18.16 34.33 -11.17
N MET B 411 17.57 33.28 -11.74
CA MET B 411 16.84 33.30 -13.01
C MET B 411 15.34 33.57 -12.96
N ILE B 412 14.74 33.71 -11.76
CA ILE B 412 13.31 33.98 -11.64
C ILE B 412 13.06 35.42 -12.16
N PRO B 413 12.04 35.61 -13.04
CA PRO B 413 11.73 36.95 -13.60
C PRO B 413 11.41 38.01 -12.52
N GLN B 414 11.99 39.21 -12.68
CA GLN B 414 11.92 40.38 -11.77
C GLN B 414 13.26 41.10 -11.57
#